data_7RA4
#
_entry.id   7RA4
#
_cell.length_a   102.857
_cell.length_b   94.587
_cell.length_c   79.254
_cell.angle_alpha   90.000
_cell.angle_beta   92.178
_cell.angle_gamma   90.000
#
_symmetry.space_group_name_H-M   'C 1 2 1'
#
loop_
_entity.id
_entity.type
_entity.pdbx_description
1 polymer 'Serine acetyltransferase'
2 non-polymer SERINE
3 water water
#
_entity_poly.entity_id   1
_entity_poly.type   'polypeptide(L)'
_entity_poly.pdbx_seq_one_letter_code
;MGSSHHHHHHSSGLVPRGSHMMKKNHLNTTGFDLWHTIREETAAAAAAEPMLASFLHQTVLRHESLGSVLAYHLSSKLGS
PIMDVRALFEIYQQALGSDTQISKCVEADLKAIYERDPACDEYSLPLLYFKGFHAIQAHRINHRLYLDGRKTLAYFLQNR
MSEVFGVDIHPAARLGYGLMLDHATGFVAGETAVLGNNISILHGVTLGGSGKEGGDRHPKIGDGVMIGANASILGNIRIG
SNAKIGAGSVVVSDVPPSITVVGVPAKPVARSLKTPSADMDQNIQFAEIDFMI
;
_entity_poly.pdbx_strand_id   A,B,C
#
# COMPACT_ATOMS: atom_id res chain seq x y z
N LYS A 24 23.48 -7.35 24.94
CA LYS A 24 24.62 -6.69 24.33
C LYS A 24 24.19 -5.83 23.14
N ASN A 25 24.08 -4.52 23.36
CA ASN A 25 23.64 -3.59 22.33
C ASN A 25 24.58 -2.40 22.28
N HIS A 26 24.25 -1.44 21.43
CA HIS A 26 25.10 -0.26 21.26
C HIS A 26 25.06 0.66 22.46
N LEU A 27 24.08 0.51 23.35
CA LEU A 27 24.04 1.26 24.60
C LEU A 27 24.63 0.48 25.76
N ASN A 28 25.60 -0.40 25.47
CA ASN A 28 26.23 -1.23 26.49
C ASN A 28 27.72 -1.36 26.19
N PHE A 32 31.50 -1.82 20.86
CA PHE A 32 30.38 -2.43 20.16
C PHE A 32 30.52 -2.27 18.65
N ASP A 33 30.24 -3.34 17.91
CA ASP A 33 30.35 -3.35 16.45
C ASP A 33 29.01 -3.77 15.88
N LEU A 34 28.33 -2.85 15.19
CA LEU A 34 27.04 -3.13 14.59
C LEU A 34 27.15 -4.28 13.58
N TRP A 35 28.15 -4.22 12.71
CA TRP A 35 28.33 -5.21 11.66
C TRP A 35 28.55 -6.61 12.25
N HIS A 36 29.46 -6.72 13.22
CA HIS A 36 29.74 -8.01 13.85
C HIS A 36 28.50 -8.59 14.52
N THR A 37 27.77 -7.75 15.26
CA THR A 37 26.53 -8.20 15.90
C THR A 37 25.53 -8.71 14.87
N ILE A 38 25.38 -7.99 13.77
CA ILE A 38 24.46 -8.43 12.71
C ILE A 38 24.89 -9.78 12.16
N ARG A 39 26.19 -9.96 11.94
CA ARG A 39 26.67 -11.23 11.42
C ARG A 39 26.41 -12.38 12.40
N GLU A 40 26.57 -12.12 13.70
CA GLU A 40 26.31 -13.16 14.68
C GLU A 40 24.83 -13.53 14.71
N GLU A 41 23.96 -12.51 14.74
CA GLU A 41 22.52 -12.76 14.69
C GLU A 41 22.15 -13.60 13.47
N THR A 42 22.67 -13.23 12.30
CA THR A 42 22.30 -13.92 11.08
C THR A 42 22.87 -15.33 11.03
N ALA A 43 24.05 -15.57 11.61
CA ALA A 43 24.56 -16.92 11.71
C ALA A 43 23.65 -17.79 12.58
N ALA A 44 23.19 -17.23 13.71
CA ALA A 44 22.23 -17.95 14.54
C ALA A 44 20.97 -18.29 13.76
N ALA A 45 20.41 -17.29 13.07
CA ALA A 45 19.18 -17.52 12.29
C ALA A 45 19.39 -18.59 11.22
N ALA A 46 20.49 -18.49 10.46
CA ALA A 46 20.79 -19.48 9.44
C ALA A 46 20.87 -20.88 10.02
N ALA A 47 21.53 -21.03 11.18
CA ALA A 47 21.58 -22.34 11.81
C ALA A 47 20.20 -22.79 12.26
N ALA A 48 19.32 -21.84 12.61
CA ALA A 48 18.01 -22.20 13.14
C ALA A 48 17.02 -22.59 12.03
N GLU A 49 16.96 -21.81 10.97
CA GLU A 49 15.99 -22.04 9.89
C GLU A 49 16.68 -22.58 8.65
N PRO A 50 16.66 -23.89 8.40
CA PRO A 50 17.31 -24.42 7.18
C PRO A 50 16.66 -23.94 5.89
N MET A 51 15.41 -23.49 5.93
CA MET A 51 14.73 -22.98 4.74
C MET A 51 15.37 -21.68 4.24
N LEU A 52 15.99 -20.91 5.12
CA LEU A 52 16.47 -19.57 4.78
C LEU A 52 17.98 -19.44 4.89
N ALA A 53 18.71 -20.55 5.03
CA ALA A 53 20.13 -20.48 5.31
C ALA A 53 20.90 -19.92 4.12
N SER A 54 20.65 -20.45 2.91
CA SER A 54 21.36 -19.95 1.74
C SER A 54 21.00 -18.49 1.46
N PHE A 55 19.76 -18.10 1.77
CA PHE A 55 19.35 -16.71 1.61
C PHE A 55 20.12 -15.79 2.53
N LEU A 56 20.29 -16.20 3.79
CA LEU A 56 21.01 -15.38 4.76
C LEU A 56 22.51 -15.37 4.49
N HIS A 57 23.07 -16.48 4.00
CA HIS A 57 24.47 -16.50 3.59
C HIS A 57 24.72 -15.58 2.41
N GLN A 58 23.80 -15.57 1.44
CA GLN A 58 24.01 -14.77 0.24
C GLN A 58 23.78 -13.29 0.53
N THR A 59 22.72 -12.98 1.28
CA THR A 59 22.38 -11.60 1.59
C THR A 59 23.37 -10.96 2.57
N VAL A 60 23.86 -11.74 3.55
CA VAL A 60 24.61 -11.13 4.65
C VAL A 60 26.00 -11.73 4.83
N LEU A 61 26.06 -13.03 5.10
CA LEU A 61 27.30 -13.62 5.61
C LEU A 61 28.43 -13.59 4.58
N ARG A 62 28.11 -13.62 3.28
CA ARG A 62 29.16 -13.58 2.27
C ARG A 62 29.70 -12.19 2.01
N HIS A 63 29.13 -11.16 2.63
CA HIS A 63 29.52 -9.79 2.39
C HIS A 63 30.52 -9.33 3.43
N GLU A 64 31.31 -8.32 3.06
CA GLU A 64 32.39 -7.80 3.90
C GLU A 64 32.03 -6.48 4.56
N SER A 65 30.92 -5.86 4.19
CA SER A 65 30.50 -4.61 4.79
C SER A 65 28.98 -4.57 4.85
N LEU A 66 28.46 -3.83 5.83
CA LEU A 66 27.01 -3.64 5.94
C LEU A 66 26.43 -3.02 4.68
N GLY A 67 27.13 -2.03 4.10
CA GLY A 67 26.64 -1.38 2.90
C GLY A 67 26.43 -2.35 1.75
N SER A 68 27.32 -3.33 1.61
CA SER A 68 27.17 -4.33 0.57
C SER A 68 25.91 -5.16 0.80
N VAL A 69 25.66 -5.54 2.04
CA VAL A 69 24.42 -6.24 2.41
C VAL A 69 23.21 -5.42 2.02
N LEU A 70 23.25 -4.12 2.32
CA LEU A 70 22.11 -3.25 2.02
C LEU A 70 21.88 -3.17 0.52
N ALA A 71 22.94 -2.96 -0.26
CA ALA A 71 22.80 -2.94 -1.72
C ALA A 71 22.20 -4.24 -2.24
N TYR A 72 22.70 -5.38 -1.73
CA TYR A 72 22.21 -6.67 -2.17
C TYR A 72 20.72 -6.84 -1.87
N HIS A 73 20.32 -6.57 -0.63
CA HIS A 73 18.93 -6.79 -0.23
C HIS A 73 17.99 -5.84 -0.97
N LEU A 74 18.37 -4.56 -1.07
CA LEU A 74 17.54 -3.61 -1.82
C LEU A 74 17.39 -4.04 -3.29
N SER A 75 18.47 -4.51 -3.92
CA SER A 75 18.36 -5.00 -5.29
C SER A 75 17.45 -6.23 -5.37
N SER A 76 17.52 -7.11 -4.37
CA SER A 76 16.59 -8.23 -4.31
C SER A 76 15.14 -7.73 -4.26
N LYS A 77 14.88 -6.70 -3.45
CA LYS A 77 13.52 -6.18 -3.33
C LYS A 77 13.04 -5.53 -4.63
N LEU A 78 13.88 -4.71 -5.25
CA LEU A 78 13.46 -3.81 -6.32
C LEU A 78 13.84 -4.29 -7.71
N GLY A 79 14.72 -5.28 -7.84
CA GLY A 79 15.00 -5.92 -9.11
C GLY A 79 13.77 -6.39 -9.86
N SER A 80 13.88 -6.51 -11.18
CA SER A 80 12.78 -6.92 -12.03
C SER A 80 13.36 -7.54 -13.29
N PRO A 81 12.53 -8.15 -14.14
CA PRO A 81 13.05 -8.58 -15.46
C PRO A 81 13.59 -7.41 -16.28
N ILE A 82 12.96 -6.24 -16.18
CA ILE A 82 13.46 -5.07 -16.90
C ILE A 82 14.84 -4.67 -16.38
N MET A 83 15.01 -4.66 -15.06
CA MET A 83 16.26 -4.21 -14.42
C MET A 83 16.90 -5.38 -13.67
N ASP A 84 17.90 -6.00 -14.29
CA ASP A 84 18.59 -7.14 -13.71
C ASP A 84 19.09 -6.84 -12.30
N VAL A 85 18.97 -7.82 -11.41
CA VAL A 85 19.37 -7.64 -10.02
C VAL A 85 20.88 -7.45 -9.90
N ARG A 86 21.67 -8.10 -10.75
CA ARG A 86 23.11 -7.87 -10.74
C ARG A 86 23.42 -6.42 -11.07
N ALA A 87 22.74 -5.87 -12.09
CA ALA A 87 22.98 -4.49 -12.49
C ALA A 87 22.58 -3.52 -11.39
N LEU A 88 21.39 -3.73 -10.80
CA LEU A 88 20.95 -2.85 -9.72
C LEU A 88 21.86 -2.96 -8.51
N PHE A 89 22.35 -4.17 -8.23
CA PHE A 89 23.30 -4.38 -7.14
C PHE A 89 24.58 -3.58 -7.37
N GLU A 90 25.13 -3.66 -8.58
CA GLU A 90 26.33 -2.88 -8.90
C GLU A 90 26.06 -1.38 -8.82
N ILE A 91 24.87 -0.95 -9.26
CA ILE A 91 24.55 0.47 -9.23
C ILE A 91 24.47 0.96 -7.79
N TYR A 92 23.86 0.16 -6.91
CA TYR A 92 23.76 0.54 -5.51
C TYR A 92 25.14 0.53 -4.85
N GLN A 93 25.99 -0.41 -5.26
CA GLN A 93 27.34 -0.48 -4.70
C GLN A 93 28.16 0.75 -5.09
N GLN A 94 28.11 1.10 -6.38
CA GLN A 94 28.81 2.30 -6.85
C GLN A 94 28.26 3.56 -6.20
N ALA A 95 26.94 3.62 -5.99
CA ALA A 95 26.35 4.77 -5.31
C ALA A 95 26.88 4.87 -3.88
N LEU A 96 26.82 3.78 -3.12
CA LEU A 96 27.31 3.81 -1.75
C LEU A 96 28.78 4.17 -1.69
N GLY A 97 29.57 3.69 -2.66
CA GLY A 97 30.97 4.10 -2.73
C GLY A 97 31.17 5.54 -3.10
N SER A 98 30.22 6.13 -3.82
CA SER A 98 30.34 7.53 -4.20
C SER A 98 30.21 8.45 -2.99
N ASP A 99 29.30 8.11 -2.08
CA ASP A 99 29.07 8.87 -0.85
C ASP A 99 29.16 7.92 0.33
N THR A 100 30.33 7.84 0.96
CA THR A 100 30.47 6.95 2.11
C THR A 100 29.54 7.34 3.26
N GLN A 101 29.18 8.62 3.34
CA GLN A 101 28.37 9.09 4.46
C GLN A 101 27.01 8.42 4.48
N ILE A 102 26.53 7.94 3.33
CA ILE A 102 25.24 7.28 3.28
C ILE A 102 25.25 6.09 4.21
N SER A 103 26.36 5.33 4.21
CA SER A 103 26.45 4.18 5.09
C SER A 103 26.32 4.60 6.54
N LYS A 104 26.96 5.72 6.91
CA LYS A 104 26.80 6.25 8.25
C LYS A 104 25.33 6.43 8.58
N CYS A 105 24.58 7.09 7.70
CA CYS A 105 23.17 7.29 7.94
C CYS A 105 22.47 5.96 8.15
N VAL A 106 22.80 4.96 7.32
CA VAL A 106 22.20 3.64 7.48
C VAL A 106 22.44 3.14 8.90
N GLU A 107 23.70 3.18 9.34
CA GLU A 107 24.03 2.72 10.68
C GLU A 107 23.26 3.52 11.71
N ALA A 108 23.12 4.83 11.51
CA ALA A 108 22.34 5.63 12.43
C ALA A 108 20.90 5.14 12.48
N ASP A 109 20.28 4.96 11.31
CA ASP A 109 18.87 4.60 11.29
C ASP A 109 18.62 3.30 12.01
N LEU A 110 19.46 2.29 11.77
CA LEU A 110 19.31 1.02 12.44
C LEU A 110 19.34 1.21 13.95
N LYS A 111 20.33 1.98 14.44
CA LYS A 111 20.41 2.21 15.87
C LYS A 111 19.14 2.89 16.37
N ALA A 112 18.65 3.86 15.60
CA ALA A 112 17.43 4.54 16.01
C ALA A 112 16.30 3.56 16.19
N ILE A 113 16.14 2.62 15.27
CA ILE A 113 15.02 1.69 15.38
C ILE A 113 15.18 0.86 16.64
N TYR A 114 16.40 0.41 16.92
CA TYR A 114 16.63 -0.39 18.12
C TYR A 114 16.30 0.42 19.36
N GLU A 115 16.67 1.71 19.34
CA GLU A 115 16.30 2.59 20.45
C GLU A 115 14.79 2.67 20.61
N ARG A 116 14.08 2.97 19.51
CA ARG A 116 12.72 3.49 19.62
C ARG A 116 11.63 2.46 19.39
N ASP A 117 11.93 1.33 18.74
CA ASP A 117 10.87 0.38 18.39
C ASP A 117 10.87 -0.78 19.37
N PRO A 118 9.83 -0.94 20.18
CA PRO A 118 9.77 -2.10 21.09
C PRO A 118 9.79 -3.45 20.37
N ALA A 119 9.30 -3.51 19.13
CA ALA A 119 9.25 -4.77 18.38
C ALA A 119 10.61 -5.14 17.81
N CYS A 120 11.65 -4.36 18.05
CA CYS A 120 12.98 -4.60 17.51
C CYS A 120 13.87 -5.13 18.62
N ASP A 121 14.12 -6.44 18.60
CA ASP A 121 15.00 -7.09 19.57
C ASP A 121 16.36 -7.45 19.00
N GLU A 122 16.53 -7.33 17.68
CA GLU A 122 17.79 -7.63 17.02
C GLU A 122 18.02 -6.59 15.93
N TYR A 123 19.28 -6.41 15.55
CA TYR A 123 19.63 -5.38 14.59
C TYR A 123 19.35 -5.83 13.16
N SER A 124 19.60 -7.11 12.85
CA SER A 124 19.32 -7.62 11.50
C SER A 124 17.83 -7.67 11.21
N LEU A 125 16.98 -7.57 12.24
CA LEU A 125 15.53 -7.62 12.04
C LEU A 125 15.04 -6.51 11.12
N PRO A 126 15.24 -5.22 11.43
CA PRO A 126 14.83 -4.18 10.47
C PRO A 126 15.65 -4.19 9.21
N LEU A 127 16.94 -4.52 9.30
CA LEU A 127 17.80 -4.65 8.13
C LEU A 127 17.16 -5.53 7.07
N LEU A 128 16.60 -6.66 7.47
CA LEU A 128 16.07 -7.63 6.53
C LEU A 128 14.56 -7.53 6.31
N TYR A 129 13.78 -7.07 7.30
CA TYR A 129 12.34 -7.28 7.28
C TYR A 129 11.48 -6.04 7.51
N PHE A 130 12.05 -4.86 7.68
CA PHE A 130 11.27 -3.65 7.92
C PHE A 130 11.26 -2.84 6.63
N LYS A 131 10.11 -2.82 5.96
CA LYS A 131 10.02 -2.16 4.65
C LYS A 131 10.17 -0.64 4.75
N GLY A 132 9.92 -0.04 5.91
CA GLY A 132 10.20 1.39 6.06
C GLY A 132 11.68 1.69 6.03
N PHE A 133 12.49 0.87 6.71
CA PHE A 133 13.93 1.00 6.65
C PHE A 133 14.44 0.86 5.22
N HIS A 134 13.89 -0.12 4.50
CA HIS A 134 14.28 -0.35 3.12
C HIS A 134 13.89 0.83 2.24
N ALA A 135 12.69 1.37 2.45
CA ALA A 135 12.26 2.53 1.67
C ALA A 135 13.17 3.72 1.91
N ILE A 136 13.56 3.95 3.16
CA ILE A 136 14.41 5.10 3.47
C ILE A 136 15.78 4.96 2.81
N GLN A 137 16.41 3.78 2.95
CA GLN A 137 17.75 3.61 2.39
C GLN A 137 17.71 3.63 0.85
N ALA A 138 16.70 2.98 0.26
CA ALA A 138 16.48 3.07 -1.18
C ALA A 138 16.39 4.53 -1.63
N HIS A 139 15.60 5.33 -0.91
CA HIS A 139 15.52 6.76 -1.23
C HIS A 139 16.88 7.43 -1.14
N ARG A 140 17.68 7.11 -0.12
CA ARG A 140 19.01 7.72 -0.02
C ARG A 140 19.81 7.49 -1.30
N ILE A 141 19.89 6.23 -1.74
CA ILE A 141 20.60 5.91 -2.97
C ILE A 141 19.97 6.63 -4.16
N ASN A 142 18.64 6.65 -4.22
CA ASN A 142 17.92 7.38 -5.27
C ASN A 142 18.34 8.85 -5.33
N HIS A 143 18.35 9.51 -4.17
CA HIS A 143 18.80 10.90 -4.07
C HIS A 143 20.20 11.06 -4.63
N ARG A 144 21.09 10.11 -4.33
CA ARG A 144 22.44 10.15 -4.89
C ARG A 144 22.42 10.08 -6.41
N LEU A 145 21.60 9.18 -6.97
CA LEU A 145 21.53 9.05 -8.41
C LEU A 145 20.92 10.29 -9.06
N TYR A 146 19.90 10.87 -8.41
CA TYR A 146 19.22 12.04 -8.94
C TYR A 146 20.14 13.25 -8.97
N LEU A 147 20.88 13.49 -7.88
CA LEU A 147 21.84 14.59 -7.87
C LEU A 147 22.91 14.42 -8.95
N ASP A 148 23.29 13.18 -9.26
CA ASP A 148 24.24 12.90 -10.33
C ASP A 148 23.63 12.99 -11.72
N GLY A 149 22.34 13.29 -11.84
CA GLY A 149 21.70 13.45 -13.14
C GLY A 149 21.05 12.22 -13.71
N ARG A 150 21.13 11.08 -13.02
CA ARG A 150 20.47 9.85 -13.48
C ARG A 150 18.99 9.89 -13.09
N LYS A 151 18.31 10.89 -13.66
CA LYS A 151 16.92 11.18 -13.28
C LYS A 151 15.97 10.09 -13.74
N THR A 152 16.14 9.59 -14.96
CA THR A 152 15.24 8.54 -15.45
C THR A 152 15.28 7.31 -14.56
N LEU A 153 16.48 6.88 -14.18
CA LEU A 153 16.61 5.75 -13.27
C LEU A 153 16.05 6.09 -11.90
N ALA A 154 16.24 7.33 -11.44
CA ALA A 154 15.69 7.75 -10.16
C ALA A 154 14.16 7.64 -10.16
N TYR A 155 13.51 8.06 -11.25
CA TYR A 155 12.06 7.95 -11.35
C TYR A 155 11.62 6.49 -11.44
N PHE A 156 12.35 5.68 -12.22
CA PHE A 156 12.09 4.25 -12.28
C PHE A 156 12.11 3.62 -10.89
N LEU A 157 13.16 3.90 -10.12
CA LEU A 157 13.29 3.33 -8.79
C LEU A 157 12.28 3.93 -7.81
N GLN A 158 11.91 5.19 -7.99
CA GLN A 158 10.85 5.77 -7.16
C GLN A 158 9.54 5.03 -7.38
N ASN A 159 9.19 4.78 -8.64
CA ASN A 159 7.98 4.04 -8.97
C ASN A 159 8.04 2.61 -8.40
N ARG A 160 9.21 1.97 -8.51
CA ARG A 160 9.35 0.61 -8.00
C ARG A 160 9.27 0.56 -6.48
N MET A 161 9.91 1.52 -5.79
CA MET A 161 9.75 1.66 -4.35
C MET A 161 8.30 1.85 -3.97
N SER A 162 7.56 2.64 -4.75
CA SER A 162 6.15 2.86 -4.45
C SER A 162 5.36 1.56 -4.60
N GLU A 163 5.70 0.77 -5.61
CA GLU A 163 4.98 -0.49 -5.85
C GLU A 163 5.27 -1.52 -4.76
N VAL A 164 6.55 -1.73 -4.45
CA VAL A 164 6.91 -2.84 -3.55
C VAL A 164 6.76 -2.45 -2.09
N PHE A 165 7.12 -1.22 -1.73
CA PHE A 165 7.07 -0.79 -0.34
C PHE A 165 5.82 0.00 0.01
N GLY A 166 5.10 0.51 -0.98
CA GLY A 166 3.97 1.38 -0.70
C GLY A 166 4.37 2.73 -0.15
N VAL A 167 5.56 3.20 -0.49
CA VAL A 167 6.13 4.43 0.05
C VAL A 167 6.58 5.28 -1.14
N ASP A 168 6.08 6.51 -1.21
CA ASP A 168 6.42 7.44 -2.29
C ASP A 168 7.28 8.57 -1.73
N ILE A 169 8.59 8.49 -1.97
CA ILE A 169 9.51 9.57 -1.63
C ILE A 169 10.11 10.08 -2.94
N HIS A 170 9.93 11.37 -3.20
CA HIS A 170 10.50 11.97 -4.40
C HIS A 170 12.03 11.98 -4.28
N PRO A 171 12.75 11.64 -5.35
CA PRO A 171 14.21 11.58 -5.28
C PRO A 171 14.87 12.86 -4.76
N ALA A 172 14.26 14.02 -5.01
CA ALA A 172 14.83 15.28 -4.54
C ALA A 172 14.73 15.46 -3.03
N ALA A 173 13.82 14.75 -2.37
CA ALA A 173 13.63 14.88 -0.92
C ALA A 173 14.94 14.70 -0.17
N ARG A 174 15.12 15.53 0.86
CA ARG A 174 16.33 15.56 1.67
C ARG A 174 16.03 14.98 3.06
N LEU A 175 16.66 13.87 3.38
CA LEU A 175 16.43 13.16 4.64
C LEU A 175 17.71 13.08 5.45
N GLY A 176 17.63 13.44 6.72
CA GLY A 176 18.74 13.33 7.64
C GLY A 176 18.89 11.93 8.19
N TYR A 177 19.78 11.80 9.17
CA TYR A 177 20.11 10.52 9.79
C TYR A 177 19.31 10.31 11.07
N GLY A 178 19.30 9.06 11.54
CA GLY A 178 18.55 8.72 12.73
C GLY A 178 17.06 8.58 12.50
N LEU A 179 16.66 8.14 11.31
CA LEU A 179 15.25 8.06 10.93
C LEU A 179 14.67 6.69 11.24
N MET A 180 13.44 6.68 11.76
CA MET A 180 12.64 5.46 11.90
C MET A 180 11.30 5.69 11.23
N LEU A 181 11.02 4.92 10.17
CA LEU A 181 9.74 4.93 9.47
C LEU A 181 9.04 3.62 9.82
N ASP A 182 8.24 3.65 10.87
CA ASP A 182 7.62 2.44 11.41
C ASP A 182 6.42 2.02 10.57
N HIS A 183 6.34 0.72 10.25
CA HIS A 183 5.26 0.12 9.48
C HIS A 183 5.22 0.64 8.04
N ALA A 184 5.26 1.96 7.86
CA ALA A 184 5.63 2.63 6.61
C ALA A 184 4.53 2.77 5.57
N THR A 185 3.65 1.77 5.44
CA THR A 185 2.65 1.74 4.37
C THR A 185 1.95 3.08 4.21
N GLY A 186 2.12 3.70 3.04
CA GLY A 186 1.41 4.91 2.70
C GLY A 186 2.16 6.20 2.94
N PHE A 187 3.41 6.14 3.38
CA PHE A 187 4.22 7.34 3.56
C PHE A 187 4.45 8.04 2.24
N VAL A 188 4.28 9.36 2.24
CA VAL A 188 4.52 10.19 1.07
C VAL A 188 5.36 11.40 1.48
N ALA A 189 6.38 11.72 0.68
CA ALA A 189 7.21 12.90 0.88
C ALA A 189 7.57 13.48 -0.48
N GLY A 190 7.19 14.74 -0.71
CA GLY A 190 7.32 15.37 -2.01
C GLY A 190 8.71 15.90 -2.34
N GLU A 191 8.78 16.54 -3.51
CA GLU A 191 10.05 16.98 -4.09
C GLU A 191 10.86 17.87 -3.14
N THR A 192 10.21 18.82 -2.49
CA THR A 192 10.92 19.84 -1.72
C THR A 192 10.92 19.57 -0.22
N ALA A 193 10.50 18.37 0.19
CA ALA A 193 10.50 18.03 1.61
C ALA A 193 11.92 17.90 2.13
N VAL A 194 12.12 18.34 3.37
CA VAL A 194 13.40 18.23 4.07
C VAL A 194 13.12 17.73 5.48
N LEU A 195 13.83 16.67 5.89
CA LEU A 195 13.70 16.12 7.23
C LEU A 195 15.04 16.20 7.94
N GLY A 196 15.01 16.65 9.19
CA GLY A 196 16.21 16.75 10.00
C GLY A 196 16.73 15.42 10.48
N ASN A 197 17.37 15.41 11.64
CA ASN A 197 17.91 14.18 12.21
C ASN A 197 17.05 13.71 13.39
N ASN A 198 17.15 12.40 13.66
CA ASN A 198 16.48 11.76 14.79
C ASN A 198 14.97 12.03 14.79
N ILE A 199 14.33 11.66 13.69
CA ILE A 199 12.88 11.83 13.52
C ILE A 199 12.23 10.45 13.50
N SER A 200 11.00 10.38 14.01
CA SER A 200 10.21 9.16 14.02
C SER A 200 8.89 9.42 13.30
N ILE A 201 8.65 8.64 12.24
CA ILE A 201 7.46 8.76 11.40
C ILE A 201 6.75 7.42 11.36
N LEU A 202 5.44 7.43 11.53
CA LEU A 202 4.63 6.23 11.41
C LEU A 202 4.02 6.14 10.00
N HIS A 203 3.36 5.00 9.75
CA HIS A 203 2.74 4.76 8.45
C HIS A 203 1.64 5.77 8.17
N GLY A 204 1.32 5.92 6.88
CA GLY A 204 0.23 6.77 6.46
C GLY A 204 0.53 8.26 6.50
N VAL A 205 1.71 8.66 6.96
CA VAL A 205 2.03 10.07 7.10
C VAL A 205 2.27 10.68 5.73
N THR A 206 1.79 11.91 5.55
CA THR A 206 1.94 12.66 4.31
C THR A 206 2.75 13.90 4.59
N LEU A 207 3.85 14.07 3.87
CA LEU A 207 4.58 15.33 3.83
C LEU A 207 4.37 15.93 2.45
N GLY A 208 3.16 16.46 2.24
CA GLY A 208 2.67 16.77 0.91
C GLY A 208 2.75 18.25 0.56
N GLY A 209 2.35 18.53 -0.68
CA GLY A 209 2.47 19.85 -1.26
C GLY A 209 1.12 20.53 -1.46
N SER A 210 1.19 21.72 -2.04
CA SER A 210 0.02 22.52 -2.34
C SER A 210 0.34 23.43 -3.52
N GLY A 211 -0.60 23.55 -4.45
CA GLY A 211 -0.47 24.44 -5.57
C GLY A 211 0.00 23.72 -6.83
N LYS A 212 -0.24 24.36 -7.97
CA LYS A 212 0.22 23.86 -9.26
C LYS A 212 1.58 24.41 -9.64
N GLU A 213 2.03 25.47 -8.97
CA GLU A 213 3.31 26.11 -9.27
C GLU A 213 4.41 25.48 -8.43
N GLY A 214 5.54 25.19 -9.06
CA GLY A 214 6.69 24.60 -8.39
C GLY A 214 7.29 25.50 -7.32
N GLY A 215 8.50 25.17 -6.88
CA GLY A 215 9.11 25.87 -5.76
C GLY A 215 8.84 25.15 -4.46
N ASP A 216 9.40 25.72 -3.38
CA ASP A 216 9.20 25.15 -2.05
C ASP A 216 7.71 25.06 -1.73
N ARG A 217 7.26 23.85 -1.41
CA ARG A 217 5.85 23.60 -1.18
C ARG A 217 5.65 22.33 -0.35
N HIS A 218 6.74 21.77 0.17
CA HIS A 218 6.65 20.58 1.00
C HIS A 218 7.26 20.83 2.37
N PRO A 219 6.78 20.15 3.41
CA PRO A 219 7.19 20.50 4.78
C PRO A 219 8.69 20.42 5.00
N LYS A 220 9.15 21.19 5.98
CA LYS A 220 10.51 21.11 6.51
C LYS A 220 10.39 20.72 7.97
N ILE A 221 10.83 19.50 8.30
CA ILE A 221 10.67 18.95 9.65
C ILE A 221 12.01 19.03 10.37
N GLY A 222 11.98 19.53 11.62
CA GLY A 222 13.19 19.69 12.40
C GLY A 222 13.59 18.44 13.16
N ASP A 223 14.81 18.47 13.68
CA ASP A 223 15.35 17.37 14.47
C ASP A 223 14.42 17.01 15.63
N GLY A 224 14.28 15.71 15.88
CA GLY A 224 13.62 15.22 17.06
C GLY A 224 12.11 15.03 16.96
N VAL A 225 11.50 15.46 15.85
CA VAL A 225 10.04 15.45 15.75
C VAL A 225 9.51 14.04 15.68
N MET A 226 8.32 13.84 16.24
CA MET A 226 7.57 12.59 16.17
C MET A 226 6.23 12.85 15.50
N ILE A 227 5.94 12.10 14.44
CA ILE A 227 4.71 12.25 13.68
C ILE A 227 3.89 10.97 13.80
N GLY A 228 2.63 11.10 14.23
CA GLY A 228 1.78 9.95 14.41
C GLY A 228 1.16 9.46 13.12
N ALA A 229 0.57 8.27 13.21
CA ALA A 229 0.05 7.59 12.02
C ALA A 229 -1.04 8.39 11.35
N ASN A 230 -1.01 8.41 10.01
CA ASN A 230 -2.03 9.05 9.17
C ASN A 230 -2.11 10.55 9.42
N ALA A 231 -1.02 11.17 9.84
CA ALA A 231 -0.95 12.62 9.98
C ALA A 231 -0.56 13.24 8.65
N SER A 232 -1.25 14.32 8.28
CA SER A 232 -0.94 15.07 7.08
C SER A 232 -0.29 16.40 7.44
N ILE A 233 0.88 16.67 6.85
CA ILE A 233 1.56 17.94 6.95
C ILE A 233 1.69 18.46 5.52
N LEU A 234 1.00 19.56 5.23
CA LEU A 234 0.84 20.04 3.86
C LEU A 234 1.46 21.41 3.70
N GLY A 235 2.11 21.62 2.55
CA GLY A 235 2.64 22.92 2.20
C GLY A 235 4.06 23.15 2.68
N ASN A 236 4.60 24.29 2.25
CA ASN A 236 5.94 24.71 2.64
C ASN A 236 5.85 25.31 4.04
N ILE A 237 5.84 24.42 5.04
CA ILE A 237 5.67 24.79 6.43
C ILE A 237 6.79 24.18 7.25
N ARG A 238 7.29 24.93 8.23
CA ARG A 238 8.35 24.47 9.11
C ARG A 238 7.76 23.82 10.35
N ILE A 239 8.37 22.72 10.78
CA ILE A 239 7.96 22.00 11.98
C ILE A 239 9.14 22.01 12.95
N GLY A 240 8.96 22.64 14.11
CA GLY A 240 10.06 22.95 14.99
C GLY A 240 10.63 21.73 15.69
N SER A 241 11.88 21.88 16.12
CA SER A 241 12.61 20.89 16.92
C SER A 241 11.73 20.24 17.99
N ASN A 242 11.79 18.91 18.07
CA ASN A 242 11.14 18.12 19.11
C ASN A 242 9.64 18.40 19.21
N ALA A 243 9.02 18.79 18.10
CA ALA A 243 7.58 18.90 18.08
C ALA A 243 6.95 17.51 17.97
N LYS A 244 5.66 17.44 18.30
CA LYS A 244 4.92 16.19 18.27
C LYS A 244 3.63 16.41 17.49
N ILE A 245 3.47 15.68 16.40
CA ILE A 245 2.28 15.76 15.57
C ILE A 245 1.43 14.54 15.87
N GLY A 246 0.28 14.76 16.50
CA GLY A 246 -0.55 13.66 16.94
C GLY A 246 -1.09 12.86 15.77
N ALA A 247 -1.41 11.59 16.05
CA ALA A 247 -1.91 10.70 15.01
C ALA A 247 -3.21 11.24 14.42
N GLY A 248 -3.29 11.23 13.09
CA GLY A 248 -4.47 11.70 12.40
C GLY A 248 -4.58 13.20 12.24
N SER A 249 -3.63 13.97 12.76
CA SER A 249 -3.71 15.42 12.70
C SER A 249 -3.36 15.92 11.31
N VAL A 250 -3.80 17.14 11.01
CA VAL A 250 -3.58 17.78 9.72
C VAL A 250 -3.00 19.16 10.00
N VAL A 251 -1.69 19.30 9.82
CA VAL A 251 -1.00 20.57 10.06
C VAL A 251 -0.93 21.33 8.73
N VAL A 252 -1.27 22.61 8.78
CA VAL A 252 -1.29 23.44 7.57
C VAL A 252 -0.48 24.72 7.80
N SER A 253 -0.19 25.02 9.07
CA SER A 253 0.66 26.15 9.44
C SER A 253 1.92 25.64 10.13
N ASP A 254 2.89 26.53 10.29
CA ASP A 254 4.11 26.19 10.99
C ASP A 254 3.80 25.83 12.45
N VAL A 255 4.67 25.04 13.05
CA VAL A 255 4.51 24.56 14.41
C VAL A 255 5.74 24.98 15.21
N PRO A 256 5.57 25.65 16.34
CA PRO A 256 6.72 26.02 17.17
C PRO A 256 7.42 24.80 17.73
N PRO A 257 8.71 24.93 18.08
CA PRO A 257 9.43 23.80 18.68
C PRO A 257 8.82 23.35 20.00
N SER A 258 8.90 22.04 20.25
CA SER A 258 8.51 21.44 21.52
C SER A 258 7.02 21.61 21.81
N ILE A 259 6.20 21.61 20.77
CA ILE A 259 4.75 21.71 20.90
C ILE A 259 4.11 20.43 20.37
N THR A 260 3.10 19.95 21.09
CA THR A 260 2.25 18.86 20.62
C THR A 260 1.01 19.46 19.99
N VAL A 261 0.76 19.12 18.73
CA VAL A 261 -0.41 19.59 18.00
C VAL A 261 -1.32 18.41 17.71
N VAL A 262 -2.63 18.60 17.89
CA VAL A 262 -3.60 17.55 17.64
C VAL A 262 -4.85 18.13 16.99
N GLY A 263 -5.47 17.34 16.12
CA GLY A 263 -6.75 17.69 15.55
C GLY A 263 -6.70 17.88 14.04
N VAL A 264 -7.88 18.06 13.47
CA VAL A 264 -8.04 18.33 12.05
C VAL A 264 -8.88 19.61 11.91
N PRO A 265 -8.26 20.77 11.66
CA PRO A 265 -6.80 20.99 11.56
C PRO A 265 -6.11 20.97 12.92
N ALA A 266 -4.79 20.75 12.93
CA ALA A 266 -4.06 20.57 14.17
C ALA A 266 -4.06 21.86 14.97
N LYS A 267 -4.07 21.72 16.30
CA LYS A 267 -4.09 22.85 17.23
C LYS A 267 -3.17 22.52 18.39
N PRO A 268 -2.47 23.53 18.92
CA PRO A 268 -1.56 23.31 20.06
C PRO A 268 -2.29 22.75 21.28
N VAL A 269 -1.58 21.89 22.00
CA VAL A 269 -2.03 21.33 23.26
C VAL A 269 -0.80 20.87 24.03
N LYS B 24 -28.39 -20.13 -2.90
CA LYS B 24 -27.94 -21.09 -1.90
C LYS B 24 -26.78 -20.55 -1.08
N ASN B 25 -27.08 -20.09 0.13
CA ASN B 25 -26.10 -19.50 1.03
C ASN B 25 -26.27 -20.09 2.44
N HIS B 26 -25.37 -19.71 3.35
CA HIS B 26 -25.37 -20.25 4.70
C HIS B 26 -26.46 -19.63 5.59
N LEU B 27 -26.90 -18.43 5.25
CA LEU B 27 -27.99 -17.76 5.97
C LEU B 27 -29.31 -18.03 5.26
N ASN B 28 -29.37 -19.23 4.67
CA ASN B 28 -30.52 -19.65 3.91
C ASN B 28 -30.77 -21.14 4.04
N THR B 29 -29.77 -21.94 3.71
CA THR B 29 -29.89 -23.39 3.60
C THR B 29 -29.31 -24.11 4.82
N PHE B 32 -26.08 -27.02 4.05
CA PHE B 32 -25.21 -26.19 3.23
C PHE B 32 -23.76 -26.61 3.38
N ASP B 33 -23.04 -26.65 2.26
CA ASP B 33 -21.64 -27.05 2.23
C ASP B 33 -20.84 -25.91 1.60
N LEU B 34 -20.01 -25.26 2.41
CA LEU B 34 -19.16 -24.17 1.91
C LEU B 34 -18.25 -24.64 0.79
N TRP B 35 -17.57 -25.76 1.03
CA TRP B 35 -16.60 -26.30 0.07
C TRP B 35 -17.26 -26.66 -1.26
N HIS B 36 -18.37 -27.39 -1.22
CA HIS B 36 -19.07 -27.76 -2.44
C HIS B 36 -19.54 -26.54 -3.23
N THR B 37 -20.11 -25.55 -2.52
CA THR B 37 -20.56 -24.32 -3.17
C THR B 37 -19.39 -23.62 -3.86
N ILE B 38 -18.25 -23.53 -3.18
CA ILE B 38 -17.07 -22.90 -3.77
C ILE B 38 -16.63 -23.65 -5.03
N ARG B 39 -16.64 -24.98 -4.97
CA ARG B 39 -16.24 -25.77 -6.14
C ARG B 39 -17.19 -25.53 -7.31
N GLU B 40 -18.49 -25.43 -7.04
CA GLU B 40 -19.44 -25.18 -8.12
C GLU B 40 -19.22 -23.80 -8.75
N GLU B 41 -19.05 -22.78 -7.90
CA GLU B 41 -18.76 -21.44 -8.38
C GLU B 41 -17.53 -21.43 -9.27
N THR B 42 -16.44 -22.04 -8.81
CA THR B 42 -15.20 -22.00 -9.58
C THR B 42 -15.28 -22.85 -10.83
N ALA B 43 -16.05 -23.95 -10.82
CA ALA B 43 -16.26 -24.70 -12.05
C ALA B 43 -16.97 -23.86 -13.09
N ALA B 44 -18.00 -23.12 -12.67
CA ALA B 44 -18.67 -22.18 -13.57
C ALA B 44 -17.67 -21.17 -14.12
N ALA B 45 -16.88 -20.56 -13.24
CA ALA B 45 -15.90 -19.56 -13.68
C ALA B 45 -14.90 -20.15 -14.68
N ALA B 46 -14.34 -21.32 -14.36
CA ALA B 46 -13.40 -21.99 -15.25
C ALA B 46 -14.01 -22.25 -16.62
N ALA B 47 -15.26 -22.72 -16.65
CA ALA B 47 -15.91 -22.93 -17.94
C ALA B 47 -16.13 -21.62 -18.68
N ALA B 48 -16.31 -20.51 -17.94
CA ALA B 48 -16.62 -19.24 -18.59
C ALA B 48 -15.38 -18.56 -19.14
N GLU B 49 -14.30 -18.51 -18.36
CA GLU B 49 -13.07 -17.82 -18.76
C GLU B 49 -11.97 -18.83 -19.08
N PRO B 50 -11.72 -19.15 -20.35
CA PRO B 50 -10.62 -20.08 -20.68
C PRO B 50 -9.25 -19.53 -20.32
N MET B 51 -9.12 -18.21 -20.16
CA MET B 51 -7.83 -17.62 -19.78
C MET B 51 -7.42 -18.01 -18.37
N LEU B 52 -8.36 -18.35 -17.49
CA LEU B 52 -8.06 -18.59 -16.09
C LEU B 52 -8.35 -20.03 -15.67
N ALA B 53 -8.73 -20.89 -16.61
CA ALA B 53 -9.27 -22.20 -16.24
C ALA B 53 -8.19 -23.07 -15.59
N SER B 54 -7.03 -23.16 -16.23
CA SER B 54 -5.95 -23.94 -15.64
C SER B 54 -5.55 -23.39 -14.29
N PHE B 55 -5.71 -22.08 -14.10
CA PHE B 55 -5.44 -21.49 -12.81
C PHE B 55 -6.46 -21.99 -11.78
N LEU B 56 -7.74 -21.95 -12.14
CA LEU B 56 -8.78 -22.33 -11.20
C LEU B 56 -8.77 -23.83 -10.92
N HIS B 57 -8.42 -24.64 -11.93
CA HIS B 57 -8.24 -26.06 -11.69
C HIS B 57 -7.05 -26.30 -10.75
N GLN B 58 -5.98 -25.53 -10.91
CA GLN B 58 -4.80 -25.77 -10.09
C GLN B 58 -4.97 -25.22 -8.67
N THR B 59 -5.53 -24.02 -8.55
CA THR B 59 -5.72 -23.44 -7.23
C THR B 59 -6.83 -24.12 -6.44
N VAL B 60 -7.89 -24.56 -7.10
CA VAL B 60 -9.08 -25.00 -6.37
C VAL B 60 -9.54 -26.41 -6.76
N LEU B 61 -9.87 -26.60 -8.04
CA LEU B 61 -10.63 -27.79 -8.44
C LEU B 61 -9.86 -29.09 -8.22
N ARG B 62 -8.54 -29.06 -8.28
CA ARG B 62 -7.75 -30.26 -8.08
C ARG B 62 -7.54 -30.60 -6.60
N HIS B 63 -8.01 -29.76 -5.69
CA HIS B 63 -7.79 -29.93 -4.27
C HIS B 63 -8.97 -30.66 -3.62
N GLU B 64 -8.69 -31.28 -2.46
CA GLU B 64 -9.66 -32.08 -1.75
C GLU B 64 -10.24 -31.38 -0.52
N SER B 65 -9.66 -30.26 -0.11
CA SER B 65 -10.17 -29.52 1.05
C SER B 65 -9.95 -28.03 0.81
N LEU B 66 -10.82 -27.22 1.44
CA LEU B 66 -10.67 -25.77 1.37
C LEU B 66 -9.31 -25.32 1.90
N GLY B 67 -8.86 -25.93 3.00
CA GLY B 67 -7.57 -25.55 3.57
C GLY B 67 -6.42 -25.73 2.59
N SER B 68 -6.47 -26.81 1.80
CA SER B 68 -5.43 -27.02 0.79
C SER B 68 -5.44 -25.91 -0.25
N VAL B 69 -6.64 -25.51 -0.70
CA VAL B 69 -6.77 -24.39 -1.62
C VAL B 69 -6.17 -23.13 -1.02
N LEU B 70 -6.47 -22.86 0.25
CA LEU B 70 -5.97 -21.65 0.90
C LEU B 70 -4.45 -21.66 0.97
N ALA B 71 -3.86 -22.78 1.40
CA ALA B 71 -2.41 -22.91 1.42
C ALA B 71 -1.81 -22.66 0.05
N TYR B 72 -2.41 -23.25 -0.99
CA TYR B 72 -1.91 -23.10 -2.35
C TYR B 72 -1.93 -21.64 -2.79
N HIS B 73 -3.07 -20.97 -2.62
CA HIS B 73 -3.21 -19.59 -3.09
C HIS B 73 -2.30 -18.65 -2.31
N LEU B 74 -2.24 -18.80 -0.99
CA LEU B 74 -1.32 -17.99 -0.20
C LEU B 74 0.13 -18.21 -0.65
N SER B 75 0.49 -19.45 -0.98
CA SER B 75 1.84 -19.71 -1.49
C SER B 75 2.08 -19.01 -2.82
N SER B 76 1.07 -19.00 -3.70
CA SER B 76 1.19 -18.25 -4.94
C SER B 76 1.42 -16.77 -4.66
N LYS B 77 0.68 -16.21 -3.70
CA LYS B 77 0.81 -14.80 -3.38
C LYS B 77 2.18 -14.45 -2.80
N LEU B 78 2.66 -15.26 -1.87
CA LEU B 78 3.82 -14.90 -1.05
C LEU B 78 5.10 -15.60 -1.46
N GLY B 79 5.02 -16.62 -2.31
CA GLY B 79 6.20 -17.25 -2.89
C GLY B 79 7.20 -16.29 -3.48
N SER B 80 8.45 -16.74 -3.58
CA SER B 80 9.54 -15.93 -4.08
C SER B 80 10.60 -16.86 -4.65
N PRO B 81 11.61 -16.32 -5.34
CA PRO B 81 12.77 -17.17 -5.65
C PRO B 81 13.47 -17.64 -4.40
N ILE B 82 13.54 -16.77 -3.38
CA ILE B 82 14.14 -17.15 -2.10
C ILE B 82 13.33 -18.25 -1.43
N MET B 83 12.01 -18.13 -1.43
CA MET B 83 11.13 -19.10 -0.76
C MET B 83 10.28 -19.78 -1.83
N ASP B 84 10.72 -20.97 -2.24
CA ASP B 84 10.02 -21.74 -3.26
C ASP B 84 8.55 -21.94 -2.91
N VAL B 85 7.68 -21.85 -3.91
CA VAL B 85 6.24 -21.97 -3.67
C VAL B 85 5.87 -23.37 -3.19
N ARG B 86 6.59 -24.40 -3.65
CA ARG B 86 6.33 -25.74 -3.15
C ARG B 86 6.62 -25.83 -1.65
N ALA B 87 7.75 -25.25 -1.22
CA ALA B 87 8.12 -25.29 0.19
C ALA B 87 7.11 -24.55 1.04
N LEU B 88 6.73 -23.33 0.61
CA LEU B 88 5.74 -22.56 1.36
C LEU B 88 4.39 -23.26 1.38
N PHE B 89 4.03 -23.90 0.27
CA PHE B 89 2.78 -24.68 0.21
C PHE B 89 2.79 -25.79 1.24
N GLU B 90 3.88 -26.57 1.30
CA GLU B 90 3.97 -27.64 2.29
C GLU B 90 3.97 -27.07 3.71
N ILE B 91 4.63 -25.93 3.93
CA ILE B 91 4.67 -25.36 5.27
C ILE B 91 3.27 -24.93 5.71
N TYR B 92 2.51 -24.32 4.80
CA TYR B 92 1.15 -23.91 5.13
C TYR B 92 0.25 -25.12 5.32
N GLN B 93 0.47 -26.18 4.55
CA GLN B 93 -0.33 -27.40 4.68
C GLN B 93 -0.10 -28.06 6.04
N GLN B 94 1.18 -28.22 6.41
CA GLN B 94 1.51 -28.77 7.72
C GLN B 94 0.98 -27.89 8.85
N ALA B 95 1.04 -26.58 8.67
CA ALA B 95 0.48 -25.67 9.67
C ALA B 95 -1.01 -25.90 9.85
N LEU B 96 -1.76 -25.88 8.74
CA LEU B 96 -3.20 -26.10 8.82
C LEU B 96 -3.55 -27.46 9.39
N GLY B 97 -2.73 -28.48 9.11
CA GLY B 97 -2.96 -29.80 9.67
C GLY B 97 -2.58 -29.95 11.12
N SER B 98 -1.66 -29.12 11.60
CA SER B 98 -1.26 -29.14 13.00
C SER B 98 -2.27 -28.42 13.89
N ASP B 99 -2.89 -27.37 13.36
CA ASP B 99 -3.85 -26.55 14.09
C ASP B 99 -5.18 -26.56 13.35
N THR B 100 -6.07 -27.48 13.76
CA THR B 100 -7.38 -27.61 13.11
C THR B 100 -8.23 -26.35 13.26
N GLN B 101 -8.00 -25.55 14.30
CA GLN B 101 -8.86 -24.39 14.54
C GLN B 101 -8.71 -23.32 13.46
N ILE B 102 -7.57 -23.29 12.76
CA ILE B 102 -7.35 -22.28 11.74
C ILE B 102 -8.34 -22.43 10.60
N SER B 103 -8.63 -23.67 10.18
CA SER B 103 -9.59 -23.88 9.10
C SER B 103 -10.98 -23.41 9.51
N LYS B 104 -11.38 -23.73 10.75
CA LYS B 104 -12.64 -23.21 11.29
C LYS B 104 -12.68 -21.69 11.20
N CYS B 105 -11.61 -21.03 11.64
CA CYS B 105 -11.55 -19.56 11.56
C CYS B 105 -11.68 -19.08 10.12
N VAL B 106 -11.01 -19.76 9.19
CA VAL B 106 -11.10 -19.39 7.77
C VAL B 106 -12.55 -19.44 7.30
N GLU B 107 -13.23 -20.56 7.56
CA GLU B 107 -14.62 -20.69 7.14
C GLU B 107 -15.50 -19.62 7.76
N ALA B 108 -15.29 -19.35 9.06
CA ALA B 108 -16.04 -18.30 9.74
C ALA B 108 -15.84 -16.95 9.05
N ASP B 109 -14.58 -16.62 8.74
CA ASP B 109 -14.29 -15.35 8.09
C ASP B 109 -14.96 -15.25 6.72
N LEU B 110 -14.91 -16.33 5.94
CA LEU B 110 -15.60 -16.32 4.64
C LEU B 110 -17.09 -16.04 4.82
N LYS B 111 -17.72 -16.73 5.77
CA LYS B 111 -19.15 -16.50 6.02
C LYS B 111 -19.40 -15.06 6.43
N ALA B 112 -18.52 -14.51 7.27
CA ALA B 112 -18.65 -13.11 7.68
C ALA B 112 -18.58 -12.17 6.49
N ILE B 113 -17.65 -12.41 5.55
CA ILE B 113 -17.53 -11.54 4.40
C ILE B 113 -18.77 -11.62 3.54
N TYR B 114 -19.32 -12.83 3.37
CA TYR B 114 -20.56 -12.96 2.61
C TYR B 114 -21.71 -12.24 3.29
N GLU B 115 -21.82 -12.38 4.61
CA GLU B 115 -22.86 -11.68 5.37
C GLU B 115 -22.78 -10.17 5.21
N ARG B 116 -21.60 -9.60 5.45
CA ARG B 116 -21.49 -8.17 5.73
C ARG B 116 -21.08 -7.33 4.52
N ASP B 117 -20.49 -7.93 3.48
CA ASP B 117 -19.96 -7.16 2.37
C ASP B 117 -20.92 -7.19 1.19
N PRO B 118 -21.52 -6.05 0.81
CA PRO B 118 -22.40 -6.04 -0.37
C PRO B 118 -21.70 -6.43 -1.67
N ALA B 119 -20.39 -6.19 -1.77
CA ALA B 119 -19.65 -6.50 -2.99
C ALA B 119 -19.32 -7.99 -3.12
N CYS B 120 -19.74 -8.80 -2.15
CA CYS B 120 -19.46 -10.23 -2.16
C CYS B 120 -20.74 -10.97 -2.53
N ASP B 121 -20.81 -11.45 -3.77
CA ASP B 121 -21.94 -12.22 -4.26
C ASP B 121 -21.64 -13.71 -4.34
N GLU B 122 -20.38 -14.10 -4.18
CA GLU B 122 -19.98 -15.50 -4.21
C GLU B 122 -18.92 -15.74 -3.14
N TYR B 123 -18.79 -17.00 -2.73
CA TYR B 123 -17.86 -17.33 -1.66
C TYR B 123 -16.43 -17.41 -2.16
N SER B 124 -16.23 -17.92 -3.38
CA SER B 124 -14.88 -17.98 -3.94
C SER B 124 -14.32 -16.61 -4.26
N LEU B 125 -15.17 -15.58 -4.33
CA LEU B 125 -14.71 -14.24 -4.65
C LEU B 125 -13.69 -13.72 -3.64
N PRO B 126 -13.98 -13.62 -2.33
CA PRO B 126 -12.93 -13.20 -1.40
C PRO B 126 -11.83 -14.22 -1.25
N LEU B 127 -12.17 -15.52 -1.33
CA LEU B 127 -11.16 -16.58 -1.27
C LEU B 127 -10.03 -16.33 -2.25
N LEU B 128 -10.37 -15.92 -3.48
CA LEU B 128 -9.35 -15.74 -4.51
C LEU B 128 -8.88 -14.30 -4.68
N TYR B 129 -9.70 -13.29 -4.36
CA TYR B 129 -9.45 -11.94 -4.84
C TYR B 129 -9.49 -10.84 -3.79
N PHE B 130 -9.74 -11.15 -2.52
CA PHE B 130 -9.79 -10.13 -1.47
C PHE B 130 -8.51 -10.21 -0.66
N LYS B 131 -7.62 -9.23 -0.84
CA LYS B 131 -6.32 -9.27 -0.20
C LYS B 131 -6.41 -9.12 1.32
N GLY B 132 -7.49 -8.55 1.86
CA GLY B 132 -7.65 -8.52 3.30
C GLY B 132 -7.88 -9.91 3.88
N PHE B 133 -8.70 -10.71 3.22
CA PHE B 133 -8.90 -12.10 3.62
C PHE B 133 -7.57 -12.87 3.59
N HIS B 134 -6.79 -12.64 2.52
CA HIS B 134 -5.52 -13.33 2.39
C HIS B 134 -4.54 -12.90 3.48
N ALA B 135 -4.51 -11.60 3.78
CA ALA B 135 -3.64 -11.12 4.84
C ALA B 135 -4.02 -11.72 6.19
N ILE B 136 -5.33 -11.82 6.47
CA ILE B 136 -5.77 -12.35 7.76
C ILE B 136 -5.38 -13.82 7.89
N GLN B 137 -5.69 -14.64 6.87
CA GLN B 137 -5.39 -16.06 6.98
C GLN B 137 -3.88 -16.32 6.98
N ALA B 138 -3.14 -15.60 6.14
CA ALA B 138 -1.68 -15.66 6.17
C ALA B 138 -1.16 -15.37 7.58
N HIS B 139 -1.67 -14.31 8.22
CA HIS B 139 -1.29 -14.03 9.60
C HIS B 139 -1.63 -15.19 10.53
N ARG B 140 -2.79 -15.82 10.35
CA ARG B 140 -3.13 -16.97 11.19
C ARG B 140 -2.02 -18.02 11.14
N ILE B 141 -1.64 -18.41 9.92
CA ILE B 141 -0.55 -19.38 9.76
C ILE B 141 0.75 -18.84 10.37
N ASN B 142 1.03 -17.56 10.14
CA ASN B 142 2.21 -16.91 10.73
C ASN B 142 2.23 -17.03 12.25
N HIS B 143 1.11 -16.72 12.89
CA HIS B 143 0.96 -16.86 14.33
C HIS B 143 1.26 -18.29 14.77
N ARG B 144 0.78 -19.27 14.01
CA ARG B 144 1.08 -20.66 14.32
C ARG B 144 2.58 -20.92 14.25
N LEU B 145 3.25 -20.40 13.22
CA LEU B 145 4.69 -20.61 13.08
C LEU B 145 5.47 -19.91 14.19
N TYR B 146 5.03 -18.71 14.57
CA TYR B 146 5.69 -17.94 15.62
C TYR B 146 5.60 -18.65 16.96
N LEU B 147 4.38 -19.13 17.30
CA LEU B 147 4.21 -19.89 18.55
C LEU B 147 5.06 -21.15 18.58
N ASP B 148 5.30 -21.77 17.42
CA ASP B 148 6.17 -22.94 17.36
C ASP B 148 7.66 -22.60 17.40
N GLY B 149 8.01 -21.31 17.47
CA GLY B 149 9.40 -20.91 17.55
C GLY B 149 10.06 -20.57 16.23
N ARG B 150 9.33 -20.69 15.11
CA ARG B 150 9.86 -20.32 13.80
C ARG B 150 9.73 -18.80 13.59
N LYS B 151 10.45 -18.07 14.43
CA LYS B 151 10.32 -16.61 14.46
C LYS B 151 10.92 -15.97 13.21
N THR B 152 12.09 -16.43 12.77
CA THR B 152 12.72 -15.87 11.57
C THR B 152 11.82 -16.02 10.35
N LEU B 153 11.24 -17.21 10.17
CA LEU B 153 10.31 -17.42 9.07
C LEU B 153 9.07 -16.56 9.22
N ALA B 154 8.60 -16.40 10.46
CA ALA B 154 7.45 -15.54 10.73
C ALA B 154 7.73 -14.09 10.31
N TYR B 155 8.94 -13.59 10.62
CA TYR B 155 9.30 -12.23 10.23
C TYR B 155 9.43 -12.10 8.72
N PHE B 156 10.05 -13.09 8.07
CA PHE B 156 10.12 -13.12 6.62
C PHE B 156 8.74 -13.01 6.00
N LEU B 157 7.81 -13.84 6.48
CA LEU B 157 6.45 -13.82 5.93
C LEU B 157 5.68 -12.57 6.32
N GLN B 158 5.95 -11.98 7.49
CA GLN B 158 5.33 -10.71 7.84
C GLN B 158 5.76 -9.62 6.85
N ASN B 159 7.07 -9.55 6.58
CA ASN B 159 7.56 -8.58 5.61
C ASN B 159 6.97 -8.81 4.23
N ARG B 160 6.86 -10.07 3.81
CA ARG B 160 6.29 -10.36 2.50
C ARG B 160 4.81 -10.02 2.44
N MET B 161 4.05 -10.35 3.49
CA MET B 161 2.66 -9.92 3.59
C MET B 161 2.54 -8.41 3.50
N SER B 162 3.45 -7.68 4.15
CA SER B 162 3.41 -6.22 4.07
C SER B 162 3.68 -5.74 2.65
N GLU B 163 4.60 -6.40 1.95
CA GLU B 163 4.93 -5.98 0.59
C GLU B 163 3.78 -6.25 -0.37
N VAL B 164 3.23 -7.47 -0.33
CA VAL B 164 2.27 -7.88 -1.36
C VAL B 164 0.86 -7.40 -1.02
N PHE B 165 0.48 -7.45 0.25
CA PHE B 165 -0.87 -7.08 0.66
C PHE B 165 -0.98 -5.67 1.19
N GLY B 166 0.12 -5.04 1.56
CA GLY B 166 0.05 -3.73 2.19
C GLY B 166 -0.53 -3.78 3.58
N VAL B 167 -0.37 -4.91 4.28
CA VAL B 167 -0.95 -5.14 5.59
C VAL B 167 0.16 -5.61 6.51
N ASP B 168 0.37 -4.91 7.62
CA ASP B 168 1.40 -5.26 8.59
C ASP B 168 0.75 -5.76 9.87
N ILE B 169 0.72 -7.07 10.04
CA ILE B 169 0.27 -7.71 11.28
C ILE B 169 1.46 -8.42 11.91
N HIS B 170 1.77 -8.05 13.15
CA HIS B 170 2.85 -8.71 13.86
C HIS B 170 2.49 -10.16 14.15
N PRO B 171 3.41 -11.10 13.96
CA PRO B 171 3.09 -12.52 14.18
C PRO B 171 2.49 -12.82 15.54
N ALA B 172 2.88 -12.09 16.59
CA ALA B 172 2.36 -12.35 17.92
C ALA B 172 0.91 -11.94 18.09
N ALA B 173 0.40 -11.04 17.26
CA ALA B 173 -0.99 -10.59 17.39
C ALA B 173 -1.96 -11.76 17.38
N ARG B 174 -2.97 -11.67 18.25
CA ARG B 174 -3.97 -12.73 18.42
C ARG B 174 -5.32 -12.24 17.89
N LEU B 175 -5.82 -12.90 16.85
CA LEU B 175 -7.05 -12.51 16.17
C LEU B 175 -8.08 -13.64 16.26
N GLY B 176 -9.30 -13.29 16.64
CA GLY B 176 -10.40 -14.24 16.70
C GLY B 176 -11.02 -14.51 15.35
N TYR B 177 -12.15 -15.24 15.38
CA TYR B 177 -12.83 -15.67 14.17
C TYR B 177 -13.96 -14.70 13.81
N GLY B 178 -14.46 -14.84 12.58
CA GLY B 178 -15.50 -13.97 12.09
C GLY B 178 -15.04 -12.59 11.69
N LEU B 179 -13.80 -12.46 11.23
CA LEU B 179 -13.21 -11.17 10.90
C LEU B 179 -13.38 -10.87 9.42
N MET B 180 -13.71 -9.61 9.11
CA MET B 180 -13.72 -9.09 7.74
C MET B 180 -12.85 -7.85 7.69
N LEU B 181 -11.79 -7.92 6.91
CA LEU B 181 -10.88 -6.79 6.67
C LEU B 181 -11.11 -6.30 5.23
N ASP B 182 -12.02 -5.34 5.09
CA ASP B 182 -12.43 -4.88 3.76
C ASP B 182 -11.41 -3.92 3.17
N HIS B 183 -11.09 -4.14 1.89
CA HIS B 183 -10.16 -3.33 1.11
C HIS B 183 -8.73 -3.45 1.63
N ALA B 184 -8.55 -3.28 2.94
CA ALA B 184 -7.38 -3.75 3.69
C ALA B 184 -6.15 -2.86 3.62
N THR B 185 -5.89 -2.21 2.49
CA THR B 185 -4.65 -1.47 2.29
C THR B 185 -4.32 -0.59 3.48
N GLY B 186 -3.19 -0.88 4.13
CA GLY B 186 -2.69 -0.06 5.21
C GLY B 186 -3.04 -0.52 6.61
N PHE B 187 -3.72 -1.65 6.77
CA PHE B 187 -4.02 -2.16 8.10
C PHE B 187 -2.73 -2.50 8.85
N VAL B 188 -2.68 -2.09 10.11
CA VAL B 188 -1.54 -2.37 10.99
C VAL B 188 -2.07 -2.92 12.31
N ALA B 189 -1.42 -3.97 12.81
CA ALA B 189 -1.74 -4.55 14.11
C ALA B 189 -0.45 -4.95 14.80
N GLY B 190 -0.21 -4.39 15.99
CA GLY B 190 1.06 -4.58 16.68
C GLY B 190 1.18 -5.89 17.45
N GLU B 191 2.35 -6.02 18.09
CA GLU B 191 2.74 -7.26 18.74
C GLU B 191 1.71 -7.75 19.76
N THR B 192 1.19 -6.86 20.59
CA THR B 192 0.35 -7.23 21.72
C THR B 192 -1.14 -7.03 21.45
N ALA B 193 -1.52 -6.77 20.20
CA ALA B 193 -2.93 -6.57 19.87
C ALA B 193 -3.71 -7.89 20.02
N VAL B 194 -4.94 -7.76 20.49
CA VAL B 194 -5.86 -8.89 20.61
C VAL B 194 -7.22 -8.44 20.08
N LEU B 195 -7.79 -9.23 19.16
CA LEU B 195 -9.10 -8.96 18.59
C LEU B 195 -10.05 -10.10 18.90
N GLY B 196 -11.26 -9.76 19.32
CA GLY B 196 -12.27 -10.75 19.62
C GLY B 196 -12.85 -11.41 18.38
N ASN B 197 -14.09 -11.85 18.44
CA ASN B 197 -14.76 -12.48 17.32
C ASN B 197 -15.78 -11.54 16.70
N ASN B 198 -16.11 -11.81 15.43
CA ASN B 198 -17.12 -11.08 14.67
C ASN B 198 -16.85 -9.57 14.66
N ILE B 199 -15.66 -9.22 14.19
CA ILE B 199 -15.24 -7.82 14.07
C ILE B 199 -15.10 -7.47 12.59
N SER B 200 -15.38 -6.21 12.26
CA SER B 200 -15.26 -5.70 10.90
C SER B 200 -14.31 -4.51 10.92
N ILE B 201 -13.24 -4.59 10.13
CA ILE B 201 -12.22 -3.55 10.04
C ILE B 201 -12.08 -3.13 8.58
N LEU B 202 -12.03 -1.83 8.34
CA LEU B 202 -11.80 -1.29 7.02
C LEU B 202 -10.33 -0.97 6.81
N HIS B 203 -9.98 -0.60 5.59
CA HIS B 203 -8.59 -0.28 5.24
C HIS B 203 -8.10 0.93 6.02
N GLY B 204 -6.78 1.04 6.13
CA GLY B 204 -6.17 2.17 6.79
C GLY B 204 -6.22 2.14 8.30
N VAL B 205 -6.86 1.13 8.88
CA VAL B 205 -7.03 1.07 10.33
C VAL B 205 -5.70 0.72 10.99
N THR B 206 -5.42 1.36 12.12
CA THR B 206 -4.20 1.15 12.89
C THR B 206 -4.59 0.66 14.27
N LEU B 207 -4.07 -0.50 14.67
CA LEU B 207 -4.14 -0.95 16.06
C LEU B 207 -2.72 -0.84 16.62
N GLY B 208 -2.32 0.38 16.92
CA GLY B 208 -0.93 0.72 17.15
C GLY B 208 -0.56 0.84 18.62
N GLY B 209 0.72 1.13 18.84
CA GLY B 209 1.31 1.14 20.16
C GLY B 209 1.66 2.54 20.64
N SER B 210 2.31 2.57 21.80
CA SER B 210 2.76 3.82 22.41
C SER B 210 3.98 3.54 23.28
N GLU B 213 8.95 1.49 24.84
CA GLU B 213 9.02 0.47 25.89
C GLU B 213 8.01 -0.64 25.66
N GLY B 214 8.48 -1.89 25.73
CA GLY B 214 7.65 -3.06 25.52
C GLY B 214 6.55 -3.28 26.54
N GLY B 215 5.98 -4.48 26.53
CA GLY B 215 4.82 -4.80 27.34
C GLY B 215 3.54 -4.59 26.57
N ASP B 216 2.43 -4.89 27.23
CA ASP B 216 1.12 -4.66 26.63
C ASP B 216 0.99 -3.19 26.24
N ARG B 217 0.75 -2.92 24.96
CA ARG B 217 0.76 -1.56 24.47
C ARG B 217 -0.04 -1.43 23.18
N HIS B 218 -0.77 -2.48 22.82
CA HIS B 218 -1.59 -2.47 21.61
C HIS B 218 -3.04 -2.78 21.98
N PRO B 219 -4.00 -2.26 21.21
CA PRO B 219 -5.41 -2.35 21.62
C PRO B 219 -5.89 -3.78 21.84
N LYS B 220 -6.91 -3.90 22.67
CA LYS B 220 -7.68 -5.13 22.85
C LYS B 220 -9.11 -4.83 22.40
N ILE B 221 -9.53 -5.42 21.28
CA ILE B 221 -10.82 -5.12 20.68
C ILE B 221 -11.79 -6.24 21.01
N GLY B 222 -12.99 -5.85 21.48
CA GLY B 222 -14.00 -6.81 21.88
C GLY B 222 -14.86 -7.31 20.73
N ASP B 223 -15.59 -8.38 21.01
CA ASP B 223 -16.49 -8.98 20.02
C ASP B 223 -17.46 -7.95 19.47
N GLY B 224 -17.73 -8.04 18.16
CA GLY B 224 -18.79 -7.27 17.54
C GLY B 224 -18.40 -5.89 17.06
N VAL B 225 -17.19 -5.42 17.38
CA VAL B 225 -16.81 -4.05 17.10
C VAL B 225 -16.68 -3.82 15.59
N MET B 226 -17.01 -2.61 15.16
CA MET B 226 -16.83 -2.17 13.78
C MET B 226 -15.96 -0.93 13.79
N ILE B 227 -14.87 -0.97 13.01
CA ILE B 227 -13.88 0.10 12.95
C ILE B 227 -13.89 0.69 11.55
N GLY B 228 -14.07 2.01 11.46
CA GLY B 228 -14.15 2.68 10.18
C GLY B 228 -12.79 2.96 9.56
N ALA B 229 -12.82 3.36 8.29
CA ALA B 229 -11.61 3.53 7.51
C ALA B 229 -10.70 4.60 8.10
N ASN B 230 -9.40 4.31 8.12
CA ASN B 230 -8.36 5.24 8.57
C ASN B 230 -8.54 5.63 10.03
N ALA B 231 -9.14 4.75 10.83
CA ALA B 231 -9.25 4.96 12.26
C ALA B 231 -8.00 4.45 12.97
N SER B 232 -7.50 5.24 13.93
CA SER B 232 -6.36 4.87 14.75
C SER B 232 -6.82 4.54 16.17
N ILE B 233 -6.43 3.37 16.66
CA ILE B 233 -6.63 2.95 18.03
C ILE B 233 -5.24 2.71 18.60
N LEU B 234 -4.84 3.52 19.56
CA LEU B 234 -3.45 3.55 20.02
C LEU B 234 -3.36 3.17 21.49
N GLY B 235 -2.35 2.38 21.81
CA GLY B 235 -2.04 2.03 23.18
C GLY B 235 -2.77 0.79 23.67
N ASN B 236 -2.40 0.38 24.88
CA ASN B 236 -3.02 -0.76 25.56
C ASN B 236 -4.34 -0.31 26.15
N ILE B 237 -5.36 -0.25 25.28
CA ILE B 237 -6.68 0.24 25.64
C ILE B 237 -7.72 -0.80 25.24
N ARG B 238 -8.75 -0.95 26.07
CA ARG B 238 -9.83 -1.89 25.81
C ARG B 238 -10.95 -1.20 25.03
N ILE B 239 -11.51 -1.92 24.05
CA ILE B 239 -12.63 -1.44 23.26
C ILE B 239 -13.79 -2.41 23.47
N GLY B 240 -14.89 -1.90 24.01
CA GLY B 240 -15.95 -2.78 24.49
C GLY B 240 -16.73 -3.43 23.37
N SER B 241 -17.34 -4.57 23.74
CA SER B 241 -18.27 -5.31 22.89
C SER B 241 -19.21 -4.40 22.11
N ASN B 242 -19.35 -4.70 20.81
CA ASN B 242 -20.32 -4.03 19.93
C ASN B 242 -20.14 -2.50 19.93
N ALA B 243 -18.92 -2.04 20.16
CA ALA B 243 -18.61 -0.64 19.98
C ALA B 243 -18.47 -0.31 18.49
N LYS B 244 -18.55 0.98 18.19
CA LYS B 244 -18.44 1.47 16.82
C LYS B 244 -17.44 2.62 16.81
N ILE B 245 -16.34 2.44 16.08
CA ILE B 245 -15.32 3.46 15.94
C ILE B 245 -15.48 4.10 14.57
N GLY B 246 -15.82 5.39 14.55
CA GLY B 246 -16.09 6.06 13.28
C GLY B 246 -14.87 6.17 12.41
N ALA B 247 -15.10 6.27 11.11
CA ALA B 247 -14.02 6.41 10.15
C ALA B 247 -13.21 7.67 10.43
N GLY B 248 -11.89 7.52 10.42
CA GLY B 248 -11.00 8.65 10.65
C GLY B 248 -10.78 9.01 12.10
N SER B 249 -11.42 8.32 13.04
CA SER B 249 -11.32 8.65 14.45
C SER B 249 -9.97 8.20 15.02
N VAL B 250 -9.60 8.82 16.15
CA VAL B 250 -8.35 8.52 16.84
C VAL B 250 -8.71 8.23 18.30
N VAL B 251 -8.72 6.96 18.66
CA VAL B 251 -9.07 6.54 20.01
C VAL B 251 -7.81 6.43 20.85
N VAL B 252 -7.85 7.01 22.05
CA VAL B 252 -6.70 6.98 22.95
C VAL B 252 -7.04 6.49 24.35
N SER B 253 -8.31 6.44 24.72
CA SER B 253 -8.77 5.87 25.98
C SER B 253 -9.67 4.68 25.70
N ASP B 254 -9.97 3.92 26.76
CA ASP B 254 -10.87 2.80 26.60
C ASP B 254 -12.25 3.27 26.15
N VAL B 255 -13.00 2.37 25.50
CA VAL B 255 -14.30 2.68 24.96
C VAL B 255 -15.32 1.73 25.58
N PRO B 256 -16.39 2.23 26.18
CA PRO B 256 -17.41 1.36 26.77
C PRO B 256 -18.11 0.54 25.69
N PRO B 257 -18.68 -0.61 26.06
CA PRO B 257 -19.44 -1.39 25.08
C PRO B 257 -20.64 -0.62 24.55
N SER B 258 -20.97 -0.87 23.29
CA SER B 258 -22.18 -0.34 22.64
C SER B 258 -22.16 1.19 22.57
N ILE B 259 -20.98 1.78 22.40
CA ILE B 259 -20.83 3.22 22.24
C ILE B 259 -20.23 3.51 20.87
N THR B 260 -20.76 4.54 20.21
CA THR B 260 -20.18 5.07 18.97
C THR B 260 -19.30 6.27 19.30
N VAL B 261 -18.01 6.18 18.98
CA VAL B 261 -17.06 7.25 19.19
C VAL B 261 -16.59 7.78 17.84
N VAL B 262 -16.52 9.11 17.72
CA VAL B 262 -16.10 9.77 16.48
C VAL B 262 -15.25 10.99 16.83
N GLY B 263 -14.30 11.30 15.96
CA GLY B 263 -13.53 12.52 16.06
C GLY B 263 -12.05 12.26 16.29
N VAL B 264 -11.30 13.36 16.25
CA VAL B 264 -9.86 13.35 16.52
C VAL B 264 -9.55 14.37 17.60
N PRO B 265 -9.36 13.95 18.86
CA PRO B 265 -9.49 12.55 19.30
C PRO B 265 -10.95 12.10 19.41
N ALA B 266 -11.18 10.80 19.37
CA ALA B 266 -12.54 10.28 19.33
C ALA B 266 -13.23 10.54 20.67
N LYS B 267 -14.52 10.83 20.61
CA LYS B 267 -15.33 11.10 21.80
C LYS B 267 -16.69 10.44 21.60
N PRO B 268 -17.28 9.89 22.67
CA PRO B 268 -18.60 9.24 22.64
C PRO B 268 -19.71 10.15 22.14
N LYS C 23 9.79 24.32 -23.08
CA LYS C 23 8.63 23.50 -22.77
C LYS C 23 7.55 23.62 -23.85
N LYS C 24 7.79 22.96 -24.98
CA LYS C 24 6.73 22.77 -25.98
C LYS C 24 5.73 21.79 -25.40
N ASN C 25 4.62 22.32 -24.88
CA ASN C 25 3.60 21.53 -24.21
C ASN C 25 2.23 21.91 -24.76
N HIS C 26 1.18 21.27 -24.23
CA HIS C 26 -0.15 21.49 -24.77
C HIS C 26 -0.72 22.85 -24.36
N LEU C 27 -0.20 23.47 -23.30
CA LEU C 27 -0.62 24.81 -22.90
C LEU C 27 0.34 25.90 -23.38
N ASN C 28 0.99 25.68 -24.52
CA ASN C 28 1.96 26.66 -25.04
C ASN C 28 1.87 26.75 -26.56
N PHE C 32 0.02 20.92 -31.37
CA PHE C 32 0.72 20.09 -30.40
C PHE C 32 0.29 18.63 -30.54
N ASP C 33 1.26 17.72 -30.45
CA ASP C 33 1.02 16.29 -30.59
C ASP C 33 1.53 15.59 -29.33
N LEU C 34 0.60 15.06 -28.54
CA LEU C 34 0.95 14.34 -27.32
C LEU C 34 1.85 13.14 -27.63
N TRP C 35 1.45 12.33 -28.60
CA TRP C 35 2.19 11.11 -28.94
C TRP C 35 3.61 11.42 -29.38
N HIS C 36 3.78 12.36 -30.31
CA HIS C 36 5.11 12.72 -30.79
C HIS C 36 5.98 13.27 -29.66
N THR C 37 5.41 14.13 -28.80
CA THR C 37 6.14 14.66 -27.67
C THR C 37 6.63 13.54 -26.75
N ILE C 38 5.75 12.59 -26.45
CA ILE C 38 6.12 11.46 -25.60
C ILE C 38 7.25 10.67 -26.24
N ARG C 39 7.17 10.45 -27.56
CA ARG C 39 8.22 9.70 -28.24
C ARG C 39 9.56 10.44 -28.18
N GLU C 40 9.53 11.77 -28.32
CA GLU C 40 10.77 12.54 -28.24
C GLU C 40 11.38 12.47 -26.85
N GLU C 41 10.55 12.65 -25.81
CA GLU C 41 11.02 12.52 -24.44
C GLU C 41 11.66 11.16 -24.21
N THR C 42 11.01 10.10 -24.67
CA THR C 42 11.51 8.75 -24.43
C THR C 42 12.76 8.47 -25.24
N ALA C 43 12.88 9.05 -26.45
CA ALA C 43 14.12 8.90 -27.20
C ALA C 43 15.28 9.56 -26.48
N ALA C 44 15.06 10.76 -25.94
CA ALA C 44 16.09 11.41 -25.12
C ALA C 44 16.48 10.53 -23.94
N ALA C 45 15.49 10.03 -23.20
CA ALA C 45 15.77 9.18 -22.04
C ALA C 45 16.55 7.94 -22.43
N ALA C 46 16.10 7.24 -23.48
CA ALA C 46 16.78 6.03 -23.94
C ALA C 46 18.23 6.32 -24.31
N ALA C 47 18.49 7.43 -25.01
CA ALA C 47 19.86 7.77 -25.33
C ALA C 47 20.66 8.09 -24.08
N ALA C 48 20.01 8.62 -23.04
CA ALA C 48 20.72 9.04 -21.84
C ALA C 48 21.02 7.86 -20.91
N GLU C 49 20.04 6.99 -20.67
CA GLU C 49 20.19 5.88 -19.74
C GLU C 49 20.29 4.56 -20.47
N PRO C 50 21.50 4.03 -20.71
CA PRO C 50 21.62 2.73 -21.38
C PRO C 50 21.06 1.56 -20.60
N MET C 51 20.88 1.70 -19.28
CA MET C 51 20.34 0.61 -18.49
C MET C 51 18.88 0.32 -18.82
N LEU C 52 18.15 1.33 -19.33
CA LEU C 52 16.71 1.19 -19.54
C LEU C 52 16.33 1.34 -21.02
N ALA C 53 17.31 1.41 -21.92
CA ALA C 53 17.00 1.77 -23.30
C ALA C 53 16.15 0.71 -23.97
N SER C 54 16.56 -0.56 -23.85
CA SER C 54 15.77 -1.64 -24.44
C SER C 54 14.38 -1.67 -23.83
N PHE C 55 14.24 -1.25 -22.57
CA PHE C 55 12.93 -1.17 -21.96
C PHE C 55 12.11 -0.08 -22.65
N LEU C 56 12.69 1.10 -22.84
CA LEU C 56 11.95 2.21 -23.41
C LEU C 56 11.65 2.00 -24.88
N HIS C 57 12.55 1.34 -25.61
CA HIS C 57 12.25 0.94 -26.98
C HIS C 57 11.11 -0.07 -27.02
N GLN C 58 11.10 -1.01 -26.07
CA GLN C 58 10.08 -2.06 -26.12
C GLN C 58 8.73 -1.53 -25.66
N THR C 59 8.71 -0.75 -24.58
CA THR C 59 7.45 -0.23 -24.06
C THR C 59 6.86 0.87 -24.94
N VAL C 60 7.71 1.70 -25.55
CA VAL C 60 7.20 2.91 -26.19
C VAL C 60 7.60 3.04 -27.66
N LEU C 61 8.90 3.08 -27.95
CA LEU C 61 9.35 3.53 -29.27
C LEU C 61 8.95 2.57 -30.39
N ARG C 62 8.81 1.28 -30.09
CA ARG C 62 8.43 0.31 -31.12
C ARG C 62 6.93 0.30 -31.41
N HIS C 63 6.15 1.07 -30.67
CA HIS C 63 4.70 1.11 -30.81
C HIS C 63 4.28 2.25 -31.72
N GLU C 64 3.09 2.10 -32.31
CA GLU C 64 2.58 3.05 -33.28
C GLU C 64 1.49 3.96 -32.71
N SER C 65 1.00 3.68 -31.51
CA SER C 65 -0.03 4.51 -30.89
C SER C 65 0.18 4.54 -29.39
N LEU C 66 -0.27 5.63 -28.76
CA LEU C 66 -0.22 5.74 -27.30
C LEU C 66 -0.96 4.60 -26.62
N GLY C 67 -2.13 4.22 -27.15
CA GLY C 67 -2.90 3.15 -26.55
C GLY C 67 -2.15 1.84 -26.48
N SER C 68 -1.39 1.52 -27.54
CA SER C 68 -0.58 0.31 -27.52
C SER C 68 0.49 0.37 -26.44
N VAL C 69 1.15 1.52 -26.29
CA VAL C 69 2.12 1.71 -25.21
C VAL C 69 1.46 1.47 -23.86
N LEU C 70 0.26 2.02 -23.67
CA LEU C 70 -0.43 1.86 -22.39
C LEU C 70 -0.76 0.40 -22.11
N ALA C 71 -1.31 -0.29 -23.11
CA ALA C 71 -1.60 -1.70 -22.96
C ALA C 71 -0.34 -2.48 -22.58
N TYR C 72 0.77 -2.20 -23.27
CA TYR C 72 2.02 -2.89 -23.00
C TYR C 72 2.49 -2.67 -21.57
N HIS C 73 2.55 -1.40 -21.15
CA HIS C 73 3.06 -1.11 -19.82
C HIS C 73 2.15 -1.65 -18.73
N LEU C 74 0.83 -1.50 -18.87
CA LEU C 74 -0.10 -2.06 -17.90
C LEU C 74 0.06 -3.58 -17.80
N SER C 75 0.21 -4.27 -18.93
CA SER C 75 0.42 -5.72 -18.87
C SER C 75 1.75 -6.05 -18.19
N SER C 76 2.78 -5.23 -18.42
CA SER C 76 4.04 -5.41 -17.69
C SER C 76 3.81 -5.32 -16.19
N LYS C 77 3.04 -4.33 -15.76
CA LYS C 77 2.78 -4.14 -14.33
C LYS C 77 1.97 -5.31 -13.75
N LEU C 78 0.93 -5.73 -14.46
CA LEU C 78 -0.08 -6.63 -13.89
C LEU C 78 0.08 -8.08 -14.35
N GLY C 79 0.90 -8.33 -15.37
CA GLY C 79 1.26 -9.69 -15.74
C GLY C 79 1.77 -10.54 -14.60
N SER C 80 1.66 -11.86 -14.76
CA SER C 80 2.08 -12.81 -13.73
C SER C 80 2.40 -14.13 -14.42
N PRO C 81 2.96 -15.11 -13.70
CA PRO C 81 3.05 -16.46 -14.28
C PRO C 81 1.67 -17.03 -14.59
N ILE C 82 0.69 -16.74 -13.73
CA ILE C 82 -0.68 -17.20 -13.98
C ILE C 82 -1.25 -16.56 -15.24
N MET C 83 -1.06 -15.25 -15.41
CA MET C 83 -1.60 -14.50 -16.54
C MET C 83 -0.45 -13.97 -17.39
N ASP C 84 -0.17 -14.68 -18.48
CA ASP C 84 0.91 -14.32 -19.40
C ASP C 84 0.80 -12.88 -19.86
N VAL C 85 1.95 -12.21 -19.96
CA VAL C 85 1.97 -10.80 -20.36
C VAL C 85 1.52 -10.64 -21.81
N ARG C 86 1.84 -11.61 -22.68
CA ARG C 86 1.37 -11.53 -24.06
C ARG C 86 -0.14 -11.56 -24.13
N ALA C 87 -0.76 -12.46 -23.36
CA ALA C 87 -2.22 -12.59 -23.36
C ALA C 87 -2.87 -11.33 -22.81
N LEU C 88 -2.36 -10.82 -21.68
CA LEU C 88 -2.93 -9.61 -21.09
C LEU C 88 -2.75 -8.41 -22.01
N PHE C 89 -1.61 -8.33 -22.70
CA PHE C 89 -1.37 -7.28 -23.68
C PHE C 89 -2.41 -7.33 -24.79
N GLU C 90 -2.65 -8.52 -25.35
CA GLU C 90 -3.66 -8.66 -26.39
C GLU C 90 -5.04 -8.31 -25.85
N ILE C 91 -5.35 -8.70 -24.61
CA ILE C 91 -6.66 -8.41 -24.04
C ILE C 91 -6.85 -6.91 -23.87
N TYR C 92 -5.81 -6.20 -23.43
CA TYR C 92 -5.91 -4.76 -23.24
C TYR C 92 -6.03 -4.04 -24.57
N GLN C 93 -5.34 -4.53 -25.60
CA GLN C 93 -5.45 -3.91 -26.92
C GLN C 93 -6.84 -4.13 -27.52
N GLN C 94 -7.35 -5.37 -27.43
CA GLN C 94 -8.70 -5.65 -27.90
C GLN C 94 -9.71 -4.80 -27.15
N ALA C 95 -9.52 -4.60 -25.85
CA ALA C 95 -10.39 -3.71 -25.09
C ALA C 95 -10.30 -2.29 -25.61
N LEU C 96 -9.08 -1.75 -25.71
CA LEU C 96 -8.86 -0.39 -26.22
C LEU C 96 -9.34 -0.26 -27.66
N SER C 98 -11.83 -1.54 -29.36
CA SER C 98 -13.24 -1.83 -29.13
C SER C 98 -13.93 -0.62 -28.50
N ASP C 99 -13.22 0.07 -27.62
CA ASP C 99 -13.74 1.26 -26.93
C ASP C 99 -12.72 2.37 -27.22
N THR C 100 -12.93 3.11 -28.31
CA THR C 100 -11.99 4.16 -28.66
C THR C 100 -11.96 5.29 -27.65
N GLN C 101 -13.09 5.55 -26.98
CA GLN C 101 -13.16 6.70 -26.11
C GLN C 101 -12.20 6.59 -24.93
N ILE C 102 -11.84 5.36 -24.57
CA ILE C 102 -10.93 5.18 -23.45
C ILE C 102 -9.62 5.88 -23.73
N SER C 103 -9.14 5.78 -24.97
CA SER C 103 -7.87 6.43 -25.31
C SER C 103 -7.99 7.93 -25.09
N LYS C 104 -9.12 8.52 -25.50
CA LYS C 104 -9.36 9.94 -25.24
C LYS C 104 -9.20 10.24 -23.76
N CYS C 105 -9.86 9.45 -22.91
CA CYS C 105 -9.74 9.68 -21.47
C CYS C 105 -8.30 9.62 -21.03
N VAL C 106 -7.55 8.64 -21.55
CA VAL C 106 -6.14 8.53 -21.19
C VAL C 106 -5.43 9.85 -21.47
N GLU C 107 -5.59 10.36 -22.70
CA GLU C 107 -4.90 11.61 -23.04
C GLU C 107 -5.35 12.73 -22.11
N ALA C 108 -6.66 12.81 -21.86
CA ALA C 108 -7.16 13.85 -20.96
C ALA C 108 -6.46 13.75 -19.61
N ASP C 109 -6.40 12.55 -19.05
CA ASP C 109 -5.79 12.39 -17.74
C ASP C 109 -4.34 12.86 -17.78
N LEU C 110 -3.60 12.47 -18.83
CA LEU C 110 -2.22 12.88 -18.93
C LEU C 110 -2.11 14.40 -18.92
N LYS C 111 -2.94 15.08 -19.72
CA LYS C 111 -2.87 16.53 -19.75
C LYS C 111 -3.15 17.10 -18.37
N ALA C 112 -4.15 16.53 -17.68
CA ALA C 112 -4.46 17.02 -16.35
C ALA C 112 -3.25 16.91 -15.44
N ILE C 113 -2.55 15.78 -15.50
CA ILE C 113 -1.40 15.58 -14.62
C ILE C 113 -0.33 16.62 -14.93
N TYR C 114 -0.14 16.93 -16.20
CA TYR C 114 0.83 17.96 -16.56
C TYR C 114 0.38 19.33 -16.05
N GLU C 115 -0.92 19.63 -16.18
CA GLU C 115 -1.45 20.89 -15.69
C GLU C 115 -1.25 21.06 -14.18
N ARG C 116 -1.67 20.05 -13.41
CA ARG C 116 -1.92 20.23 -11.99
C ARG C 116 -0.77 19.78 -11.09
N ASP C 117 0.14 18.92 -11.57
CA ASP C 117 1.17 18.37 -10.71
C ASP C 117 2.49 19.09 -10.94
N PRO C 118 3.01 19.83 -9.95
CA PRO C 118 4.32 20.47 -10.12
C PRO C 118 5.46 19.49 -10.38
N ALA C 119 5.35 18.26 -9.88
CA ALA C 119 6.41 17.28 -10.06
C ALA C 119 6.43 16.66 -11.45
N CYS C 120 5.49 17.05 -12.32
CA CYS C 120 5.39 16.51 -13.67
C CYS C 120 5.89 17.57 -14.65
N ASP C 121 7.11 17.38 -15.15
CA ASP C 121 7.68 18.27 -16.15
C ASP C 121 7.70 17.65 -17.54
N GLU C 122 7.37 16.37 -17.67
CA GLU C 122 7.31 15.68 -18.96
C GLU C 122 6.08 14.77 -18.97
N TYR C 123 5.63 14.45 -20.19
CA TYR C 123 4.41 13.67 -20.33
C TYR C 123 4.65 12.18 -20.11
N SER C 124 5.81 11.68 -20.55
CA SER C 124 6.13 10.27 -20.35
C SER C 124 6.36 9.92 -18.88
N LEU C 125 6.60 10.93 -18.03
CA LEU C 125 6.87 10.66 -16.62
C LEU C 125 5.71 9.96 -15.94
N PRO C 126 4.48 10.51 -15.91
CA PRO C 126 3.37 9.74 -15.31
C PRO C 126 3.01 8.52 -16.12
N LEU C 127 3.10 8.59 -17.45
CA LEU C 127 2.84 7.45 -18.31
C LEU C 127 3.60 6.21 -17.86
N LEU C 128 4.89 6.38 -17.53
CA LEU C 128 5.72 5.24 -17.17
C LEU C 128 5.86 5.00 -15.67
N TYR C 129 5.74 6.04 -14.83
CA TYR C 129 6.21 5.93 -13.45
C TYR C 129 5.22 6.37 -12.38
N PHE C 130 4.01 6.80 -12.74
CA PHE C 130 3.02 7.24 -11.75
C PHE C 130 1.97 6.14 -11.61
N LYS C 131 2.01 5.42 -10.48
CA LYS C 131 1.11 4.30 -10.29
C LYS C 131 -0.35 4.71 -10.15
N GLY C 132 -0.63 5.97 -9.78
CA GLY C 132 -2.02 6.42 -9.78
C GLY C 132 -2.59 6.49 -11.18
N PHE C 133 -1.81 7.01 -12.12
CA PHE C 133 -2.21 7.01 -13.53
C PHE C 133 -2.44 5.59 -14.02
N HIS C 134 -1.54 4.67 -13.66
CA HIS C 134 -1.66 3.29 -14.08
C HIS C 134 -2.91 2.65 -13.48
N ALA C 135 -3.18 2.91 -12.20
CA ALA C 135 -4.37 2.35 -11.57
C ALA C 135 -5.64 2.85 -12.25
N ILE C 136 -5.68 4.14 -12.58
CA ILE C 136 -6.88 4.69 -13.21
C ILE C 136 -7.10 4.08 -14.59
N GLN C 137 -6.05 4.02 -15.42
CA GLN C 137 -6.23 3.46 -16.76
C GLN C 137 -6.53 1.96 -16.73
N ALA C 138 -5.84 1.23 -15.84
CA ALA C 138 -6.16 -0.18 -15.61
C ALA C 138 -7.62 -0.35 -15.25
N HIS C 139 -8.14 0.48 -14.33
CA HIS C 139 -9.55 0.43 -14.01
C HIS C 139 -10.42 0.68 -15.22
N ARG C 140 -10.05 1.64 -16.07
CA ARG C 140 -10.84 1.90 -17.27
C ARG C 140 -11.00 0.62 -18.09
N ILE C 141 -9.88 -0.04 -18.39
CA ILE C 141 -9.93 -1.30 -19.13
C ILE C 141 -10.74 -2.35 -18.37
N ASN C 142 -10.54 -2.44 -17.06
CA ASN C 142 -11.31 -3.37 -16.22
C ASN C 142 -12.81 -3.13 -16.34
N HIS C 143 -13.23 -1.87 -16.24
CA HIS C 143 -14.62 -1.49 -16.42
C HIS C 143 -15.15 -1.98 -17.77
N ARG C 144 -14.34 -1.81 -18.81
CA ARG C 144 -14.74 -2.31 -20.13
C ARG C 144 -14.93 -3.83 -20.12
N LEU C 145 -14.00 -4.55 -19.48
CA LEU C 145 -14.11 -6.02 -19.42
C LEU C 145 -15.33 -6.45 -18.62
N TYR C 146 -15.61 -5.74 -17.52
CA TYR C 146 -16.74 -6.07 -16.66
C TYR C 146 -18.06 -5.85 -17.38
N LEU C 147 -18.22 -4.70 -18.06
CA LEU C 147 -19.44 -4.44 -18.81
C LEU C 147 -19.66 -5.47 -19.91
N ASP C 148 -18.58 -5.99 -20.50
CA ASP C 148 -18.69 -7.04 -21.52
C ASP C 148 -18.94 -8.42 -20.93
N GLY C 149 -19.03 -8.55 -19.60
CA GLY C 149 -19.33 -9.82 -18.97
C GLY C 149 -18.13 -10.64 -18.54
N ARG C 150 -16.91 -10.16 -18.79
CA ARG C 150 -15.70 -10.86 -18.34
C ARG C 150 -15.43 -10.54 -16.87
N LYS C 151 -16.38 -10.95 -16.02
CA LYS C 151 -16.36 -10.57 -14.61
C LYS C 151 -15.23 -11.24 -13.85
N THR C 152 -14.98 -12.53 -14.10
CA THR C 152 -13.92 -13.23 -13.38
C THR C 152 -12.57 -12.59 -13.62
N LEU C 153 -12.27 -12.27 -14.89
CA LEU C 153 -11.02 -11.59 -15.20
C LEU C 153 -10.98 -10.19 -14.61
N ALA C 154 -12.13 -9.50 -14.60
CA ALA C 154 -12.19 -8.18 -13.99
C ALA C 154 -11.84 -8.23 -12.51
N TYR C 155 -12.35 -9.23 -11.79
CA TYR C 155 -12.04 -9.38 -10.37
C TYR C 155 -10.58 -9.77 -10.16
N PHE C 156 -10.08 -10.69 -10.99
CA PHE C 156 -8.67 -11.06 -10.96
C PHE C 156 -7.78 -9.82 -11.09
N LEU C 157 -8.05 -9.00 -12.11
CA LEU C 157 -7.25 -7.80 -12.34
C LEU C 157 -7.49 -6.75 -11.27
N GLN C 158 -8.68 -6.67 -10.69
CA GLN C 158 -8.89 -5.76 -9.56
C GLN C 158 -8.00 -6.14 -8.39
N ASN C 159 -7.96 -7.44 -8.07
CA ASN C 159 -7.09 -7.92 -6.99
C ASN C 159 -5.63 -7.63 -7.30
N ARG C 160 -5.22 -7.83 -8.56
CA ARG C 160 -3.83 -7.57 -8.91
C ARG C 160 -3.50 -6.09 -8.84
N MET C 161 -4.41 -5.22 -9.31
CA MET C 161 -4.24 -3.79 -9.15
C MET C 161 -4.10 -3.42 -7.67
N SER C 162 -4.87 -4.06 -6.80
CA SER C 162 -4.76 -3.78 -5.38
C SER C 162 -3.40 -4.19 -4.85
N GLU C 163 -2.88 -5.32 -5.32
CA GLU C 163 -1.58 -5.80 -4.84
C GLU C 163 -0.44 -4.92 -5.34
N VAL C 164 -0.42 -4.61 -6.63
CA VAL C 164 0.74 -3.94 -7.22
C VAL C 164 0.68 -2.43 -7.01
N PHE C 165 -0.50 -1.83 -7.13
CA PHE C 165 -0.64 -0.38 -7.03
C PHE C 165 -1.09 0.11 -5.66
N GLY C 166 -1.64 -0.78 -4.83
CA GLY C 166 -2.22 -0.33 -3.57
C GLY C 166 -3.49 0.47 -3.77
N VAL C 167 -4.20 0.22 -4.85
CA VAL C 167 -5.41 0.97 -5.21
C VAL C 167 -6.52 -0.04 -5.48
N ASP C 168 -7.62 0.09 -4.77
CA ASP C 168 -8.77 -0.80 -4.93
C ASP C 168 -9.92 0.00 -5.57
N ILE C 169 -10.12 -0.20 -6.86
CA ILE C 169 -11.26 0.36 -7.58
C ILE C 169 -12.12 -0.80 -8.06
N HIS C 170 -13.38 -0.82 -7.65
CA HIS C 170 -14.29 -1.87 -8.09
C HIS C 170 -14.55 -1.72 -9.59
N PRO C 171 -14.56 -2.83 -10.35
CA PRO C 171 -14.76 -2.73 -11.80
C PRO C 171 -16.01 -1.98 -12.20
N ALA C 172 -17.08 -2.04 -11.40
CA ALA C 172 -18.33 -1.35 -11.73
C ALA C 172 -18.20 0.17 -11.61
N ALA C 173 -17.23 0.67 -10.86
CA ALA C 173 -17.06 2.11 -10.67
C ALA C 173 -16.98 2.83 -12.00
N ARG C 174 -17.63 4.00 -12.09
CA ARG C 174 -17.70 4.80 -13.29
C ARG C 174 -16.84 6.05 -13.11
N LEU C 175 -15.81 6.19 -13.93
CA LEU C 175 -14.83 7.26 -13.79
C LEU C 175 -14.85 8.14 -15.04
N GLY C 176 -14.92 9.46 -14.83
CA GLY C 176 -14.87 10.42 -15.92
C GLY C 176 -13.44 10.70 -16.35
N TYR C 177 -13.31 11.68 -17.25
CA TYR C 177 -12.02 12.03 -17.82
C TYR C 177 -11.42 13.22 -17.08
N GLY C 178 -10.13 13.45 -17.31
CA GLY C 178 -9.42 14.52 -16.64
C GLY C 178 -9.07 14.23 -15.21
N LEU C 179 -8.84 12.97 -14.87
CA LEU C 179 -8.59 12.56 -13.49
C LEU C 179 -7.09 12.55 -13.20
N MET C 180 -6.72 13.04 -12.02
CA MET C 180 -5.36 12.91 -11.50
C MET C 180 -5.42 12.27 -10.13
N LEU C 181 -4.85 11.09 -9.99
CA LEU C 181 -4.73 10.39 -8.70
C LEU C 181 -3.27 10.43 -8.29
N ASP C 182 -2.90 11.47 -7.54
CA ASP C 182 -1.50 11.69 -7.20
C ASP C 182 -1.08 10.79 -6.03
N HIS C 183 0.10 10.18 -6.15
CA HIS C 183 0.70 9.30 -5.15
C HIS C 183 -0.08 8.00 -4.96
N ALA C 184 -1.40 8.10 -4.76
CA ALA C 184 -2.35 7.00 -4.99
C ALA C 184 -2.48 5.98 -3.86
N THR C 185 -1.38 5.65 -3.17
CA THR C 185 -1.39 4.55 -2.21
C THR C 185 -2.59 4.61 -1.28
N GLY C 186 -3.46 3.61 -1.37
CA GLY C 186 -4.61 3.48 -0.48
C GLY C 186 -5.91 4.01 -1.02
N PHE C 187 -5.95 4.49 -2.27
CA PHE C 187 -7.22 4.93 -2.86
C PHE C 187 -8.19 3.76 -2.96
N VAL C 188 -9.44 4.02 -2.57
CA VAL C 188 -10.50 3.02 -2.64
C VAL C 188 -11.72 3.66 -3.29
N ALA C 189 -12.36 2.93 -4.21
CA ALA C 189 -13.60 3.35 -4.83
C ALA C 189 -14.50 2.13 -5.01
N GLY C 190 -15.69 2.17 -4.42
CA GLY C 190 -16.57 1.03 -4.38
C GLY C 190 -17.39 0.82 -5.63
N GLU C 191 -18.25 -0.20 -5.56
CA GLU C 191 -19.02 -0.66 -6.72
C GLU C 191 -19.83 0.46 -7.37
N THR C 192 -20.51 1.27 -6.55
CA THR C 192 -21.49 2.22 -7.06
C THR C 192 -20.96 3.64 -7.13
N ALA C 193 -19.64 3.82 -6.96
CA ALA C 193 -19.06 5.15 -7.05
C ALA C 193 -19.10 5.68 -8.47
N VAL C 194 -19.34 6.98 -8.60
CA VAL C 194 -19.33 7.67 -9.88
C VAL C 194 -18.54 8.97 -9.72
N LEU C 195 -17.58 9.20 -10.61
CA LEU C 195 -16.78 10.42 -10.60
C LEU C 195 -16.96 11.18 -11.90
N GLY C 196 -17.14 12.49 -11.77
CA GLY C 196 -17.30 13.36 -12.93
C GLY C 196 -16.00 13.58 -13.69
N ASN C 197 -15.87 14.73 -14.33
CA ASN C 197 -14.67 15.07 -15.08
C ASN C 197 -13.84 16.10 -14.35
N ASN C 198 -12.55 16.13 -14.70
CA ASN C 198 -11.59 17.10 -14.17
C ASN C 198 -11.57 17.11 -12.64
N ILE C 199 -11.32 15.94 -12.07
CA ILE C 199 -11.24 15.76 -10.63
C ILE C 199 -9.80 15.45 -10.24
N SER C 200 -9.41 15.89 -9.05
CA SER C 200 -8.08 15.65 -8.51
C SER C 200 -8.21 14.95 -7.16
N ILE C 201 -7.61 13.77 -7.05
CA ILE C 201 -7.66 12.94 -5.85
C ILE C 201 -6.24 12.66 -5.40
N LEU C 202 -5.99 12.81 -4.11
CA LEU C 202 -4.71 12.46 -3.51
C LEU C 202 -4.78 11.05 -2.93
N HIS C 203 -3.62 10.57 -2.47
CA HIS C 203 -3.51 9.24 -1.90
C HIS C 203 -4.34 9.13 -0.62
N GLY C 204 -4.68 7.89 -0.27
CA GLY C 204 -5.39 7.61 0.96
C GLY C 204 -6.86 7.95 0.93
N VAL C 205 -7.37 8.52 -0.16
CA VAL C 205 -8.76 8.93 -0.21
C VAL C 205 -9.66 7.71 -0.32
N THR C 206 -10.79 7.75 0.36
CA THR C 206 -11.75 6.65 0.38
C THR C 206 -13.07 7.15 -0.18
N LEU C 207 -13.55 6.48 -1.22
CA LEU C 207 -14.91 6.67 -1.73
C LEU C 207 -15.68 5.41 -1.35
N GLY C 208 -16.04 5.31 -0.06
CA GLY C 208 -16.49 4.07 0.52
C GLY C 208 -17.99 3.98 0.68
N GLY C 209 -18.42 2.82 1.18
CA GLY C 209 -19.83 2.50 1.30
C GLY C 209 -20.30 2.49 2.74
N SER C 210 -21.57 2.12 2.90
CA SER C 210 -22.17 2.03 4.22
C SER C 210 -23.32 1.02 4.19
N LYS C 212 -24.41 -3.52 4.69
CA LYS C 212 -24.83 -4.89 4.40
C LYS C 212 -25.70 -4.94 3.15
N GLU C 213 -26.60 -3.97 3.01
CA GLU C 213 -27.57 -3.97 1.93
C GLU C 213 -26.98 -3.29 0.69
N GLY C 214 -27.11 -3.96 -0.45
CA GLY C 214 -26.64 -3.45 -1.72
C GLY C 214 -27.39 -2.21 -2.17
N GLY C 215 -27.21 -1.88 -3.46
CA GLY C 215 -27.74 -0.64 -4.00
C GLY C 215 -26.74 0.48 -3.95
N ASP C 216 -27.16 1.63 -4.46
CA ASP C 216 -26.30 2.81 -4.43
C ASP C 216 -25.89 3.12 -3.00
N ARG C 217 -24.58 3.16 -2.76
CA ARG C 217 -24.05 3.30 -1.42
C ARG C 217 -22.64 3.87 -1.42
N HIS C 218 -22.18 4.31 -2.60
CA HIS C 218 -20.87 4.89 -2.75
C HIS C 218 -20.99 6.29 -3.35
N PRO C 219 -20.07 7.20 -3.01
CA PRO C 219 -20.24 8.62 -3.37
C PRO C 219 -20.39 8.85 -4.86
N LYS C 220 -21.05 9.96 -5.19
CA LYS C 220 -21.11 10.49 -6.55
C LYS C 220 -20.44 11.86 -6.52
N ILE C 221 -19.28 11.98 -7.18
CA ILE C 221 -18.46 13.18 -7.14
C ILE C 221 -18.67 13.99 -8.40
N GLY C 222 -18.90 15.29 -8.24
CA GLY C 222 -19.14 16.16 -9.38
C GLY C 222 -17.85 16.67 -10.02
N ASP C 223 -18.01 17.20 -11.24
CA ASP C 223 -16.89 17.74 -11.99
C ASP C 223 -16.18 18.83 -11.19
N GLY C 224 -14.85 18.84 -11.28
CA GLY C 224 -14.04 19.91 -10.75
C GLY C 224 -13.61 19.75 -9.30
N VAL C 225 -14.16 18.76 -8.58
CA VAL C 225 -13.90 18.64 -7.15
C VAL C 225 -12.45 18.25 -6.89
N MET C 226 -11.93 18.69 -5.75
CA MET C 226 -10.60 18.31 -5.28
C MET C 226 -10.73 17.67 -3.91
N ILE C 227 -10.15 16.48 -3.75
CA ILE C 227 -10.20 15.74 -2.50
C ILE C 227 -8.79 15.62 -1.94
N GLY C 228 -8.61 16.04 -0.69
CA GLY C 228 -7.29 16.02 -0.06
C GLY C 228 -6.92 14.66 0.48
N ALA C 229 -5.65 14.53 0.84
CA ALA C 229 -5.10 13.24 1.25
C ALA C 229 -5.82 12.70 2.49
N ASN C 230 -6.08 11.38 2.47
CA ASN C 230 -6.69 10.65 3.58
C ASN C 230 -8.10 11.16 3.91
N ALA C 231 -8.79 11.70 2.91
CA ALA C 231 -10.18 12.10 3.08
C ALA C 231 -11.10 10.92 2.83
N SER C 232 -12.08 10.76 3.72
CA SER C 232 -13.10 9.71 3.58
C SER C 232 -14.42 10.33 3.20
N ILE C 233 -15.02 9.83 2.12
CA ILE C 233 -16.37 10.18 1.70
C ILE C 233 -17.15 8.87 1.69
N LEU C 234 -18.12 8.75 2.58
CA LEU C 234 -18.80 7.49 2.84
C LEU C 234 -20.27 7.59 2.50
N GLY C 235 -20.80 6.53 1.90
CA GLY C 235 -22.21 6.41 1.61
C GLY C 235 -22.60 6.98 0.26
N ASN C 236 -23.88 6.78 -0.08
CA ASN C 236 -24.46 7.28 -1.33
C ASN C 236 -24.78 8.76 -1.14
N ILE C 237 -23.74 9.59 -1.29
CA ILE C 237 -23.86 11.02 -1.07
C ILE C 237 -23.32 11.75 -2.30
N ARG C 238 -23.96 12.87 -2.65
CA ARG C 238 -23.54 13.68 -3.78
C ARG C 238 -22.56 14.75 -3.33
N ILE C 239 -21.53 14.97 -4.14
CA ILE C 239 -20.52 15.99 -3.89
C ILE C 239 -20.56 16.98 -5.04
N GLY C 240 -20.89 18.23 -4.74
CA GLY C 240 -21.22 19.20 -5.78
C GLY C 240 -20.01 19.65 -6.59
N SER C 241 -20.33 20.12 -7.80
CA SER C 241 -19.36 20.76 -8.71
C SER C 241 -18.39 21.67 -7.97
N ASN C 242 -17.11 21.51 -8.28
CA ASN C 242 -16.05 22.40 -7.78
C ASN C 242 -16.05 22.53 -6.26
N ALA C 243 -16.50 21.48 -5.57
CA ALA C 243 -16.34 21.44 -4.13
C ALA C 243 -14.90 21.08 -3.78
N LYS C 244 -14.52 21.35 -2.53
CA LYS C 244 -13.16 21.09 -2.07
C LYS C 244 -13.23 20.31 -0.76
N ILE C 245 -12.69 19.09 -0.77
CA ILE C 245 -12.66 18.25 0.41
C ILE C 245 -11.25 18.25 1.01
N ALA C 247 -8.06 17.78 3.20
CA ALA C 247 -7.25 16.64 3.61
C ALA C 247 -7.65 16.15 4.99
N GLY C 248 -7.84 14.83 5.13
CA GLY C 248 -8.19 14.24 6.40
C GLY C 248 -9.65 14.32 6.77
N SER C 249 -10.48 14.96 5.96
CA SER C 249 -11.88 15.16 6.29
C SER C 249 -12.67 13.87 6.08
N VAL C 250 -13.82 13.80 6.74
CA VAL C 250 -14.73 12.65 6.67
C VAL C 250 -16.11 13.19 6.35
N VAL C 251 -16.53 13.07 5.10
CA VAL C 251 -17.84 13.56 4.67
C VAL C 251 -18.85 12.44 4.79
N VAL C 252 -20.00 12.73 5.39
CA VAL C 252 -21.05 11.73 5.60
C VAL C 252 -22.38 12.26 5.07
N SER C 253 -22.43 13.55 4.79
CA SER C 253 -23.60 14.18 4.17
C SER C 253 -23.21 14.74 2.81
N ASP C 254 -24.21 15.09 2.02
CA ASP C 254 -23.96 15.70 0.71
C ASP C 254 -23.26 17.04 0.89
N VAL C 255 -22.54 17.45 -0.15
CA VAL C 255 -21.79 18.70 -0.13
C VAL C 255 -22.30 19.59 -1.25
N PRO C 256 -22.73 20.81 -0.96
CA PRO C 256 -23.18 21.73 -2.02
C PRO C 256 -22.04 22.09 -2.95
N PRO C 257 -22.35 22.53 -4.17
CA PRO C 257 -21.30 22.98 -5.09
C PRO C 257 -20.56 24.19 -4.53
N SER C 258 -19.26 24.26 -4.85
CA SER C 258 -18.42 25.41 -4.54
C SER C 258 -18.25 25.63 -3.04
N ILE C 259 -18.23 24.55 -2.26
CA ILE C 259 -18.02 24.62 -0.82
C ILE C 259 -16.74 23.89 -0.44
N THR C 260 -15.99 24.48 0.49
CA THR C 260 -14.85 23.83 1.12
C THR C 260 -15.31 23.23 2.44
N VAL C 261 -15.16 21.91 2.59
CA VAL C 261 -15.52 21.20 3.80
C VAL C 261 -14.26 20.68 4.46
N VAL C 262 -14.15 20.85 5.78
CA VAL C 262 -12.99 20.37 6.53
C VAL C 262 -13.44 19.83 7.88
N GLY C 263 -12.73 18.82 8.35
CA GLY C 263 -12.90 18.31 9.69
C GLY C 263 -13.42 16.88 9.70
N VAL C 264 -13.38 16.31 10.91
CA VAL C 264 -13.91 14.97 11.17
C VAL C 264 -14.86 15.06 12.37
N PRO C 265 -16.18 15.07 12.16
CA PRO C 265 -16.84 15.05 10.85
C PRO C 265 -16.75 16.38 10.09
N ALA C 266 -16.94 16.32 8.77
CA ALA C 266 -16.74 17.47 7.91
C ALA C 266 -17.82 18.53 8.12
N LYS C 267 -17.41 19.79 7.98
CA LYS C 267 -18.31 20.94 8.08
C LYS C 267 -17.89 21.99 7.06
N PRO C 268 -18.84 22.68 6.43
CA PRO C 268 -18.49 23.78 5.53
C PRO C 268 -17.72 24.85 6.29
N VAL C 269 -16.70 25.42 5.64
CA VAL C 269 -15.83 26.38 6.32
C VAL C 269 -15.36 27.44 5.35
N ALA C 270 -15.66 27.25 4.06
CA ALA C 270 -15.23 28.21 3.04
C ALA C 270 -16.02 28.03 1.75
#